data_4DC3
#
_entry.id   4DC3
#
_cell.length_a   59.350
_cell.length_b   179.390
_cell.length_c   79.740
_cell.angle_alpha   90.00
_cell.angle_beta   90.00
_cell.angle_gamma   90.00
#
_symmetry.space_group_name_H-M   'P 21 21 2'
#
loop_
_entity.id
_entity.type
_entity.pdbx_description
1 polymer 'Adenosine kinase'
2 non-polymer ADENOSINE
3 non-polymer 'CHLORIDE ION'
4 non-polymer 2-(6-AMINO-2-FLUORO-PURIN-9-YL)-5-HYDROXYMETHYL-TETRAHYDRO-FURAN-3,4-DIOL
5 water water
#
_entity_poly.entity_id   1
_entity_poly.type   'polypeptide(L)'
_entity_poly.pdbx_seq_one_letter_code
;MGSSHHHHHHSSGLVPRGSHMTDLSEGYVFGMGNPLLDIIVDADDFMYRKYNLKKDNIVLAEEKHMTIYDEIQKKKKLNY
IAGGATLNTVKMIQWIIQKPFVCSYVGCIGADIQGKYIKNDCSALDLVTEFQIAEEPLMTGKVAVLVSEKLRSMVTYLGA
ACDLSLAHIEQPHVWSLVEKAQVYYIAGFVINTCYEGMLKIAKHSLENEKLFCFNLSAPFLSQFNTKEVDEMISYSNIVF
GNESEAEAYGEVHGLLEDTVHATARYIADLPFADGKKRKRLVIITRGKNPLLYTDSSDSEIHQFMVEQFKDDQIIDTNGA
GDAFAAGFIADYIRGKPMITSLHAAVKAAAYIICRSGFSLGSRDSYSLKINK
;
_entity_poly.pdbx_strand_id   A,B
#
# COMPACT_ATOMS: atom_id res chain seq x y z
N LEU A 24 -18.33 -18.16 6.32
CA LEU A 24 -18.77 -16.76 6.26
C LEU A 24 -18.69 -16.22 4.84
N SER A 25 -19.74 -15.52 4.42
CA SER A 25 -19.81 -14.95 3.10
C SER A 25 -18.95 -13.68 3.01
N GLU A 26 -18.72 -13.21 1.79
CA GLU A 26 -17.92 -12.01 1.59
C GLU A 26 -18.67 -10.77 2.09
N GLY A 27 -17.95 -9.88 2.74
CA GLY A 27 -18.55 -8.67 3.28
C GLY A 27 -19.48 -8.96 4.44
N TYR A 28 -19.22 -10.05 5.14
CA TYR A 28 -20.05 -10.46 6.28
C TYR A 28 -19.88 -9.49 7.45
N VAL A 29 -18.70 -8.92 7.57
CA VAL A 29 -18.41 -7.96 8.63
C VAL A 29 -18.19 -6.57 8.03
N PHE A 30 -18.88 -5.58 8.58
CA PHE A 30 -18.74 -4.21 8.10
C PHE A 30 -18.20 -3.30 9.20
N GLY A 31 -17.28 -2.43 8.84
CA GLY A 31 -16.74 -1.46 9.76
C GLY A 31 -16.73 -0.07 9.16
N MET A 32 -16.97 0.93 10.00
CA MET A 32 -16.90 2.31 9.57
C MET A 32 -16.25 3.13 10.67
N GLY A 33 -15.27 3.96 10.30
CA GLY A 33 -14.57 4.75 11.27
C GLY A 33 -13.65 5.81 10.69
N ASN A 34 -12.65 6.18 11.47
CA ASN A 34 -11.70 7.21 11.09
C ASN A 34 -10.37 6.61 10.65
N PRO A 35 -10.11 6.61 9.34
CA PRO A 35 -8.84 6.11 8.82
C PRO A 35 -7.71 7.10 9.09
N LEU A 36 -6.83 6.74 10.02
CA LEU A 36 -5.75 7.64 10.45
C LEU A 36 -4.38 7.02 10.22
N LEU A 37 -3.38 7.87 10.06
CA LEU A 37 -2.00 7.40 9.94
C LEU A 37 -1.26 7.62 11.25
N ASP A 38 -0.83 6.53 11.88
CA ASP A 38 -0.09 6.63 13.14
C ASP A 38 1.37 6.95 12.89
N ILE A 39 1.82 8.05 13.49
CA ILE A 39 3.20 8.47 13.40
C ILE A 39 3.91 8.18 14.72
N ILE A 40 4.67 7.10 14.74
CA ILE A 40 5.30 6.63 15.97
C ILE A 40 6.74 7.14 16.10
N VAL A 41 7.05 7.72 17.25
CA VAL A 41 8.38 8.30 17.47
C VAL A 41 8.78 8.17 18.94
N ASP A 42 10.05 7.83 19.18
CA ASP A 42 10.59 7.85 20.53
C ASP A 42 10.68 9.29 21.02
N ALA A 43 9.81 9.65 21.95
CA ALA A 43 9.69 11.03 22.39
C ALA A 43 10.66 11.37 23.51
N ASP A 44 11.07 12.63 23.55
CA ASP A 44 11.90 13.16 24.61
C ASP A 44 11.04 13.45 25.83
N ASP A 45 11.66 13.63 26.98
CA ASP A 45 10.94 13.87 28.22
C ASP A 45 10.19 15.19 28.25
N PHE A 46 10.74 16.21 27.60
CA PHE A 46 10.13 17.53 27.60
C PHE A 46 8.82 17.56 26.80
N MET A 47 8.71 16.66 25.83
CA MET A 47 7.53 16.61 24.95
C MET A 47 6.24 16.45 25.73
N TYR A 48 6.28 15.59 26.74
CA TYR A 48 5.09 15.30 27.54
C TYR A 48 4.71 16.48 28.43
N ARG A 49 5.72 17.19 28.93
CA ARG A 49 5.49 18.36 29.77
C ARG A 49 5.08 19.56 28.91
N LYS A 50 5.66 19.64 27.71
CA LYS A 50 5.39 20.74 26.79
C LYS A 50 3.96 20.75 26.29
N TYR A 51 3.44 19.56 25.96
CA TYR A 51 2.10 19.44 25.40
C TYR A 51 1.09 18.92 26.42
N ASN A 52 1.55 18.75 27.66
CA ASN A 52 0.71 18.30 28.76
C ASN A 52 0.01 16.97 28.46
N LEU A 53 0.81 15.94 28.22
CA LEU A 53 0.29 14.62 27.86
C LEU A 53 0.42 13.64 29.02
N LYS A 54 -0.62 12.81 29.20
CA LYS A 54 -0.61 11.84 30.28
C LYS A 54 -0.25 10.45 29.77
N LYS A 55 -0.25 9.47 30.67
CA LYS A 55 0.12 8.11 30.32
C LYS A 55 -1.02 7.35 29.64
N ASP A 56 -0.70 6.72 28.51
CA ASP A 56 -1.65 5.88 27.78
C ASP A 56 -2.96 6.58 27.45
N ASN A 57 -2.89 7.90 27.27
CA ASN A 57 -4.09 8.68 27.01
C ASN A 57 -4.20 9.09 25.55
N ILE A 58 -5.41 9.48 25.14
CA ILE A 58 -5.64 9.98 23.79
C ILE A 58 -6.35 11.33 23.85
N VAL A 59 -5.80 12.31 23.15
CA VAL A 59 -6.41 13.63 23.11
C VAL A 59 -6.58 14.12 21.67
N LEU A 60 -7.69 14.80 21.41
CA LEU A 60 -7.92 15.41 20.11
C LEU A 60 -7.10 16.69 20.02
N ALA A 61 -6.41 16.85 18.90
CA ALA A 61 -5.50 17.98 18.72
C ALA A 61 -6.20 19.33 18.76
N GLU A 62 -5.86 20.12 19.77
CA GLU A 62 -6.33 21.50 19.87
C GLU A 62 -5.25 22.41 19.29
N GLU A 63 -5.47 23.72 19.36
CA GLU A 63 -4.53 24.66 18.79
C GLU A 63 -3.18 24.63 19.50
N LYS A 64 -3.21 24.35 20.80
CA LYS A 64 -1.99 24.30 21.60
C LYS A 64 -1.15 23.07 21.28
N HIS A 65 -1.73 22.11 20.56
CA HIS A 65 -1.07 20.86 20.24
C HIS A 65 -0.46 20.85 18.84
N MET A 66 -0.92 21.77 17.99
CA MET A 66 -0.62 21.72 16.55
C MET A 66 0.86 21.70 16.17
N THR A 67 1.71 22.27 17.01
CA THR A 67 3.15 22.31 16.72
C THR A 67 3.81 20.93 16.85
N ILE A 68 3.12 19.99 17.46
CA ILE A 68 3.69 18.67 17.71
C ILE A 68 3.97 17.89 16.43
N TYR A 69 3.21 18.18 15.37
CA TYR A 69 3.32 17.42 14.13
C TYR A 69 4.55 17.82 13.31
N ASP A 70 4.90 19.10 13.35
CA ASP A 70 6.12 19.56 12.71
C ASP A 70 7.33 19.18 13.54
N GLU A 71 7.13 19.15 14.86
CA GLU A 71 8.23 18.91 15.79
C GLU A 71 8.73 17.47 15.71
N ILE A 72 7.81 16.52 15.57
CA ILE A 72 8.19 15.11 15.49
C ILE A 72 8.64 14.72 14.08
N GLN A 73 8.30 15.53 13.09
CA GLN A 73 8.65 15.22 11.71
C GLN A 73 10.15 15.42 11.47
N LYS A 74 10.79 16.19 12.35
CA LYS A 74 12.23 16.41 12.27
C LYS A 74 12.98 15.22 12.82
N LYS A 75 12.29 14.44 13.67
CA LYS A 75 12.89 13.27 14.29
C LYS A 75 13.29 12.21 13.27
N LYS A 76 14.34 11.47 13.60
CA LYS A 76 14.80 10.37 12.77
C LYS A 76 14.15 9.09 13.22
N LYS A 77 14.23 8.06 12.38
CA LYS A 77 13.64 6.76 12.67
C LYS A 77 12.14 6.86 12.92
N LEU A 78 11.45 7.66 12.10
CA LEU A 78 10.00 7.75 12.18
C LEU A 78 9.37 6.48 11.63
N ASN A 79 8.40 5.94 12.35
CA ASN A 79 7.66 4.77 11.89
C ASN A 79 6.23 5.16 11.53
N TYR A 80 5.80 4.80 10.33
CA TYR A 80 4.45 5.13 9.87
C TYR A 80 3.59 3.87 9.77
N ILE A 81 2.52 3.83 10.55
CA ILE A 81 1.61 2.68 10.57
C ILE A 81 0.17 3.11 10.31
N ALA A 82 -0.52 2.40 9.43
CA ALA A 82 -1.93 2.65 9.18
C ALA A 82 -2.74 2.37 10.45
N GLY A 83 -3.47 3.37 10.91
CA GLY A 83 -4.18 3.28 12.18
C GLY A 83 -5.68 3.48 12.05
N GLY A 84 -6.28 3.97 13.13
CA GLY A 84 -7.73 4.09 13.22
C GLY A 84 -8.28 2.94 14.05
N ALA A 85 -9.01 3.27 15.11
CA ALA A 85 -9.51 2.29 16.05
C ALA A 85 -10.36 1.21 15.37
N THR A 86 -11.37 1.65 14.62
CA THR A 86 -12.27 0.73 13.93
C THR A 86 -11.54 -0.07 12.86
N LEU A 87 -10.69 0.62 12.10
CA LEU A 87 -9.93 -0.02 11.02
C LEU A 87 -9.02 -1.11 11.56
N ASN A 88 -8.35 -0.83 12.69
CA ASN A 88 -7.49 -1.81 13.33
C ASN A 88 -8.24 -3.10 13.67
N THR A 89 -9.40 -2.94 14.30
CA THR A 89 -10.23 -4.07 14.70
C THR A 89 -10.70 -4.86 13.49
N VAL A 90 -11.28 -4.17 12.52
CA VAL A 90 -11.83 -4.81 11.32
C VAL A 90 -10.77 -5.56 10.52
N LYS A 91 -9.61 -4.92 10.31
CA LYS A 91 -8.58 -5.52 9.50
C LYS A 91 -7.94 -6.74 10.17
N MET A 92 -7.97 -6.75 11.51
CA MET A 92 -7.45 -7.91 12.23
C MET A 92 -8.46 -9.05 12.24
N ILE A 93 -9.75 -8.71 12.29
CA ILE A 93 -10.80 -9.72 12.15
C ILE A 93 -10.63 -10.42 10.81
N GLN A 94 -10.41 -9.62 9.77
CA GLN A 94 -10.14 -10.14 8.43
C GLN A 94 -8.89 -11.01 8.45
N TRP A 95 -7.89 -10.57 9.20
CA TRP A 95 -6.62 -11.27 9.30
C TRP A 95 -6.77 -12.61 10.02
N ILE A 96 -7.57 -12.63 11.08
CA ILE A 96 -7.82 -13.85 11.84
C ILE A 96 -8.59 -14.90 11.04
N ILE A 97 -9.69 -14.48 10.44
CA ILE A 97 -10.57 -15.39 9.70
C ILE A 97 -9.89 -15.97 8.46
N GLN A 98 -8.90 -15.23 7.93
CA GLN A 98 -8.10 -15.66 6.79
C GLN A 98 -8.80 -15.58 5.43
N LYS A 99 -10.10 -15.88 5.40
CA LYS A 99 -10.85 -15.82 4.15
C LYS A 99 -10.93 -14.38 3.62
N PRO A 100 -10.52 -14.19 2.36
CA PRO A 100 -10.46 -12.85 1.76
C PRO A 100 -11.83 -12.20 1.55
N PHE A 101 -11.89 -10.89 1.77
CA PHE A 101 -13.06 -10.05 1.47
C PHE A 101 -14.26 -10.29 2.40
N VAL A 102 -14.02 -10.94 3.53
CA VAL A 102 -15.06 -11.17 4.52
C VAL A 102 -15.42 -9.86 5.24
N CYS A 103 -14.42 -8.99 5.40
CA CYS A 103 -14.63 -7.71 6.05
C CYS A 103 -14.69 -6.54 5.06
N SER A 104 -15.51 -5.55 5.39
CA SER A 104 -15.61 -4.33 4.60
C SER A 104 -15.33 -3.13 5.50
N TYR A 105 -14.75 -2.08 4.93
CA TYR A 105 -14.47 -0.87 5.70
C TYR A 105 -14.81 0.40 4.93
N VAL A 106 -15.35 1.38 5.63
CA VAL A 106 -15.67 2.68 5.05
C VAL A 106 -15.13 3.80 5.92
N GLY A 107 -14.42 4.74 5.29
CA GLY A 107 -13.87 5.87 6.00
C GLY A 107 -13.52 6.99 5.03
N CYS A 108 -13.06 8.12 5.55
CA CYS A 108 -12.67 9.22 4.70
C CYS A 108 -11.19 9.58 4.86
N ILE A 109 -10.46 9.50 3.76
CA ILE A 109 -9.06 9.89 3.74
C ILE A 109 -8.89 11.15 2.89
N GLY A 110 -7.66 11.66 2.83
CA GLY A 110 -7.37 12.83 2.02
C GLY A 110 -6.69 12.45 0.72
N ALA A 111 -6.64 13.40 -0.21
CA ALA A 111 -5.99 13.18 -1.50
C ALA A 111 -4.47 13.34 -1.37
N ASP A 112 -3.86 12.47 -0.57
CA ASP A 112 -2.42 12.54 -0.33
C ASP A 112 -1.78 11.16 -0.32
N ILE A 113 -0.46 11.13 -0.10
CA ILE A 113 0.28 9.88 -0.07
C ILE A 113 -0.07 9.07 1.18
N GLN A 114 -0.49 9.77 2.23
CA GLN A 114 -0.89 9.12 3.48
C GLN A 114 -2.16 8.30 3.28
N GLY A 115 -3.09 8.85 2.50
CA GLY A 115 -4.32 8.15 2.19
C GLY A 115 -4.06 6.96 1.29
N LYS A 116 -3.07 7.08 0.42
CA LYS A 116 -2.69 6.00 -0.48
C LYS A 116 -2.06 4.86 0.30
N TYR A 117 -1.30 5.20 1.34
CA TYR A 117 -0.66 4.21 2.19
C TYR A 117 -1.72 3.40 2.93
N ILE A 118 -2.70 4.09 3.49
CA ILE A 118 -3.78 3.44 4.20
C ILE A 118 -4.61 2.55 3.28
N LYS A 119 -5.01 3.11 2.13
CA LYS A 119 -5.79 2.39 1.14
C LYS A 119 -5.11 1.09 0.69
N ASN A 120 -3.85 1.21 0.31
CA ASN A 120 -3.08 0.05 -0.16
C ASN A 120 -2.80 -0.97 0.93
N ASP A 121 -2.73 -0.52 2.17
CA ASP A 121 -2.51 -1.41 3.30
C ASP A 121 -3.73 -2.29 3.55
N CYS A 122 -4.91 -1.76 3.21
CA CYS A 122 -6.15 -2.52 3.34
C CYS A 122 -6.27 -3.56 2.24
N SER A 123 -5.91 -3.18 1.02
CA SER A 123 -5.98 -4.06 -0.13
C SER A 123 -5.02 -5.24 0.02
N ALA A 124 -3.91 -5.01 0.71
CA ALA A 124 -2.94 -6.06 0.97
C ALA A 124 -3.52 -7.13 1.88
N LEU A 125 -4.38 -6.70 2.80
CA LEU A 125 -5.01 -7.62 3.76
C LEU A 125 -6.29 -8.22 3.19
N ASP A 126 -6.53 -8.01 1.91
CA ASP A 126 -7.75 -8.46 1.24
C ASP A 126 -8.99 -7.91 1.93
N LEU A 127 -8.98 -6.61 2.17
CA LEU A 127 -10.07 -5.92 2.85
C LEU A 127 -10.79 -5.00 1.86
N VAL A 128 -12.06 -5.30 1.59
CA VAL A 128 -12.86 -4.51 0.69
C VAL A 128 -13.14 -3.13 1.29
N THR A 129 -12.80 -2.07 0.55
CA THR A 129 -12.95 -0.72 1.05
C THR A 129 -13.66 0.21 0.08
N GLU A 130 -14.37 1.19 0.63
CA GLU A 130 -14.95 2.26 -0.16
C GLU A 130 -14.65 3.59 0.50
N PHE A 131 -13.41 4.02 0.40
CA PHE A 131 -12.96 5.27 1.02
C PHE A 131 -13.59 6.49 0.35
N GLN A 132 -13.86 7.50 1.16
CA GLN A 132 -14.31 8.80 0.65
C GLN A 132 -13.10 9.73 0.61
N ILE A 133 -12.98 10.50 -0.47
CA ILE A 133 -11.88 11.45 -0.57
C ILE A 133 -12.38 12.85 -0.21
N ALA A 134 -11.78 13.43 0.83
CA ALA A 134 -12.16 14.76 1.28
C ALA A 134 -11.71 15.83 0.30
N GLU A 135 -12.38 16.97 0.34
CA GLU A 135 -12.00 18.10 -0.51
C GLU A 135 -10.65 18.66 -0.10
N GLU A 136 -9.75 18.78 -1.08
CA GLU A 136 -8.42 19.32 -0.85
C GLU A 136 -8.51 20.78 -0.40
N PRO A 137 -7.51 21.27 0.34
CA PRO A 137 -6.30 20.55 0.77
C PRO A 137 -6.44 19.89 2.14
N LEU A 138 -7.62 19.38 2.47
CA LEU A 138 -7.82 18.69 3.73
C LEU A 138 -7.10 17.34 3.70
N MET A 139 -6.04 17.23 4.48
CA MET A 139 -5.19 16.04 4.44
C MET A 139 -5.69 14.91 5.34
N THR A 140 -5.25 13.69 5.01
CA THR A 140 -5.58 12.51 5.80
C THR A 140 -5.21 12.70 7.26
N GLY A 141 -6.13 12.34 8.15
CA GLY A 141 -5.92 12.46 9.57
C GLY A 141 -4.71 11.69 10.06
N LYS A 142 -4.14 12.13 11.18
CA LYS A 142 -2.93 11.52 11.71
C LYS A 142 -2.92 11.53 13.23
N VAL A 143 -2.14 10.62 13.81
CA VAL A 143 -2.03 10.53 15.26
C VAL A 143 -0.56 10.58 15.67
N ALA A 144 -0.21 11.56 16.49
CA ALA A 144 1.12 11.63 17.04
C ALA A 144 1.26 10.59 18.16
N VAL A 145 2.00 9.53 17.90
CA VAL A 145 2.22 8.48 18.89
C VAL A 145 3.56 8.67 19.57
N LEU A 146 3.55 9.29 20.74
CA LEU A 146 4.77 9.56 21.47
C LEU A 146 5.11 8.42 22.42
N VAL A 147 6.15 7.66 22.10
CA VAL A 147 6.56 6.55 22.94
C VAL A 147 7.87 6.84 23.66
N SER A 148 8.07 6.19 24.80
CA SER A 148 9.28 6.38 25.60
C SER A 148 9.56 5.15 26.47
N ARG A 152 3.69 6.08 26.36
CA ARG A 152 3.02 5.98 25.07
C ARG A 152 1.75 6.83 25.05
N SER A 153 1.87 8.06 24.59
CA SER A 153 0.73 8.99 24.55
C SER A 153 0.35 9.36 23.11
N MET A 154 -0.94 9.64 22.90
CA MET A 154 -1.46 9.90 21.56
C MET A 154 -2.13 11.27 21.39
N VAL A 155 -1.71 12.00 20.35
CA VAL A 155 -2.34 13.26 19.99
C VAL A 155 -2.95 13.14 18.60
N THR A 156 -4.27 13.27 18.52
CA THR A 156 -4.99 12.94 17.29
C THR A 156 -5.53 14.14 16.52
N TYR A 157 -5.14 14.25 15.26
CA TYR A 157 -5.70 15.23 14.35
C TYR A 157 -6.58 14.51 13.33
N LEU A 158 -7.89 14.63 13.50
CA LEU A 158 -8.86 13.87 12.69
C LEU A 158 -8.78 14.17 11.20
N GLY A 159 -8.53 15.44 10.86
CA GLY A 159 -8.36 15.85 9.47
C GLY A 159 -9.49 15.43 8.54
N ALA A 160 -9.14 14.68 7.50
CA ALA A 160 -10.09 14.28 6.47
C ALA A 160 -11.18 13.36 7.00
N ALA A 161 -10.88 12.66 8.09
CA ALA A 161 -11.84 11.72 8.69
C ALA A 161 -13.13 12.41 9.11
N CYS A 162 -13.08 13.71 9.32
CA CYS A 162 -14.26 14.49 9.68
C CYS A 162 -15.25 14.61 8.52
N ASP A 163 -14.73 14.57 7.30
CA ASP A 163 -15.57 14.78 6.12
C ASP A 163 -16.41 13.56 5.73
N LEU A 164 -16.31 12.49 6.53
CA LEU A 164 -17.16 11.32 6.33
C LEU A 164 -18.62 11.75 6.46
N SER A 165 -19.38 11.56 5.39
CA SER A 165 -20.74 12.07 5.34
C SER A 165 -21.78 10.99 5.06
N LEU A 166 -23.04 11.31 5.33
CA LEU A 166 -24.14 10.39 5.08
C LEU A 166 -24.36 10.19 3.59
N ALA A 167 -24.03 11.22 2.81
CA ALA A 167 -24.20 11.18 1.36
C ALA A 167 -23.33 10.09 0.72
N HIS A 168 -22.10 9.97 1.21
CA HIS A 168 -21.18 8.96 0.72
C HIS A 168 -21.66 7.56 1.08
N ILE A 169 -22.23 7.45 2.28
CA ILE A 169 -22.72 6.17 2.79
C ILE A 169 -23.97 5.70 2.05
N GLU A 170 -24.86 6.64 1.74
CA GLU A 170 -26.12 6.32 1.08
C GLU A 170 -25.97 5.98 -0.40
N GLN A 171 -24.75 6.12 -0.92
CA GLN A 171 -24.46 5.72 -2.29
C GLN A 171 -24.74 4.24 -2.48
N PRO A 172 -25.25 3.86 -3.66
CA PRO A 172 -25.62 2.48 -3.98
C PRO A 172 -24.47 1.49 -3.77
N HIS A 173 -23.30 1.80 -4.33
CA HIS A 173 -22.16 0.90 -4.24
C HIS A 173 -21.53 0.88 -2.84
N VAL A 174 -21.89 1.85 -2.02
CA VAL A 174 -21.37 1.93 -0.65
C VAL A 174 -22.34 1.28 0.34
N TRP A 175 -23.62 1.60 0.22
CA TRP A 175 -24.64 1.06 1.10
C TRP A 175 -24.83 -0.44 0.86
N SER A 176 -24.39 -0.92 -0.30
CA SER A 176 -24.43 -2.34 -0.62
C SER A 176 -23.59 -3.15 0.36
N LEU A 177 -22.48 -2.58 0.80
CA LEU A 177 -21.60 -3.23 1.77
C LEU A 177 -22.27 -3.31 3.13
N VAL A 178 -23.07 -2.30 3.45
CA VAL A 178 -23.82 -2.29 4.70
C VAL A 178 -24.91 -3.35 4.65
N GLU A 179 -25.59 -3.44 3.51
CA GLU A 179 -26.70 -4.36 3.33
C GLU A 179 -26.24 -5.82 3.41
N LYS A 180 -25.13 -6.13 2.76
CA LYS A 180 -24.65 -7.50 2.68
C LYS A 180 -24.05 -8.01 3.99
N ALA A 181 -23.70 -7.09 4.89
CA ALA A 181 -23.07 -7.46 6.15
C ALA A 181 -24.07 -7.92 7.20
N GLN A 182 -23.62 -8.79 8.09
CA GLN A 182 -24.46 -9.30 9.18
C GLN A 182 -23.90 -8.90 10.53
N VAL A 183 -22.67 -8.41 10.53
CA VAL A 183 -21.99 -7.99 11.75
C VAL A 183 -21.35 -6.62 11.54
N TYR A 184 -21.57 -5.72 12.49
CA TYR A 184 -21.00 -4.38 12.40
C TYR A 184 -20.08 -4.06 13.59
N TYR A 185 -19.00 -3.34 13.32
CA TYR A 185 -18.17 -2.80 14.38
C TYR A 185 -17.90 -1.33 14.13
N ILE A 186 -18.33 -0.48 15.06
CA ILE A 186 -18.07 0.95 14.96
C ILE A 186 -17.60 1.48 16.32
N ALA A 187 -16.40 2.04 16.34
CA ALA A 187 -15.85 2.62 17.57
C ALA A 187 -16.62 3.89 17.92
N GLY A 188 -16.60 4.27 19.19
CA GLY A 188 -17.25 5.49 19.65
C GLY A 188 -16.62 6.74 19.11
N PHE A 189 -15.40 6.63 18.58
CA PHE A 189 -14.69 7.77 18.01
C PHE A 189 -15.43 8.38 16.82
N VAL A 190 -16.23 7.56 16.14
CA VAL A 190 -16.94 7.98 14.94
C VAL A 190 -18.06 8.98 15.24
N ILE A 191 -18.38 9.11 16.53
CA ILE A 191 -19.36 10.09 16.97
C ILE A 191 -18.93 11.52 16.60
N ASN A 192 -17.63 11.79 16.75
CA ASN A 192 -17.09 13.11 16.44
C ASN A 192 -17.07 13.43 14.94
N THR A 193 -17.03 12.39 14.12
CA THR A 193 -16.83 12.57 12.68
C THR A 193 -18.11 12.42 11.86
N CYS A 194 -18.83 11.33 12.07
CA CYS A 194 -20.06 11.07 11.31
C CYS A 194 -21.08 10.30 12.14
N TYR A 195 -21.66 10.96 13.13
CA TYR A 195 -22.63 10.32 14.00
C TYR A 195 -23.90 9.94 13.24
N GLU A 196 -24.30 10.80 12.30
CA GLU A 196 -25.50 10.56 11.50
C GLU A 196 -25.35 9.30 10.65
N GLY A 197 -24.12 8.98 10.27
CA GLY A 197 -23.85 7.79 9.47
C GLY A 197 -23.89 6.53 10.30
N MET A 198 -23.21 6.53 11.44
CA MET A 198 -23.16 5.36 12.31
C MET A 198 -24.53 5.06 12.91
N LEU A 199 -25.33 6.10 13.11
CA LEU A 199 -26.68 5.93 13.63
C LEU A 199 -27.58 5.22 12.63
N LYS A 200 -27.45 5.57 11.35
CA LYS A 200 -28.27 4.97 10.30
C LYS A 200 -27.93 3.49 10.13
N ILE A 201 -26.64 3.16 10.27
CA ILE A 201 -26.20 1.78 10.19
C ILE A 201 -26.71 0.99 11.40
N ALA A 202 -26.71 1.65 12.55
CA ALA A 202 -27.19 1.04 13.78
C ALA A 202 -28.68 0.72 13.71
N LYS A 203 -29.46 1.66 13.19
CA LYS A 203 -30.90 1.46 13.02
C LYS A 203 -31.16 0.33 12.04
N HIS A 204 -30.33 0.24 11.01
CA HIS A 204 -30.41 -0.83 10.03
C HIS A 204 -30.14 -2.18 10.68
N SER A 205 -29.10 -2.23 11.52
CA SER A 205 -28.69 -3.48 12.17
C SER A 205 -29.78 -4.05 13.08
N LEU A 206 -30.33 -3.19 13.93
CA LEU A 206 -31.37 -3.62 14.86
C LEU A 206 -32.64 -4.03 14.12
N GLU A 207 -32.96 -3.29 13.06
CA GLU A 207 -34.14 -3.57 12.26
C GLU A 207 -34.03 -4.92 11.56
N ASN A 208 -32.82 -5.29 11.16
CA ASN A 208 -32.60 -6.56 10.46
C ASN A 208 -32.06 -7.66 11.36
N GLU A 209 -32.13 -7.43 12.67
CA GLU A 209 -31.67 -8.40 13.67
C GLU A 209 -30.22 -8.83 13.46
N LYS A 210 -29.35 -7.86 13.14
CA LYS A 210 -27.94 -8.16 12.94
C LYS A 210 -27.15 -7.91 14.23
N LEU A 211 -25.85 -8.15 14.16
CA LEU A 211 -24.99 -8.03 15.33
C LEU A 211 -24.19 -6.72 15.30
N PHE A 212 -24.62 -5.74 16.07
CA PHE A 212 -23.93 -4.45 16.13
C PHE A 212 -23.01 -4.36 17.35
N CYS A 213 -21.72 -4.21 17.10
CA CYS A 213 -20.72 -4.16 18.16
C CYS A 213 -20.20 -2.73 18.33
N PHE A 214 -20.21 -2.26 19.58
CA PHE A 214 -19.87 -0.87 19.86
C PHE A 214 -18.78 -0.78 20.91
N ASN A 215 -17.91 0.24 20.78
CA ASN A 215 -16.84 0.47 21.74
C ASN A 215 -16.94 1.87 22.31
N LEU A 216 -16.77 1.98 23.63
CA LEU A 216 -16.80 3.29 24.28
C LEU A 216 -15.61 4.15 23.86
N SER A 217 -14.54 3.49 23.42
CA SER A 217 -13.39 4.16 22.81
C SER A 217 -12.56 5.08 23.72
N ALA A 218 -13.21 6.08 24.31
CA ALA A 218 -12.51 7.04 25.16
C ALA A 218 -13.44 7.66 26.19
N PRO A 219 -12.89 7.95 27.39
CA PRO A 219 -13.67 8.55 28.49
C PRO A 219 -14.39 9.85 28.12
N PHE A 220 -13.78 10.68 27.26
CA PHE A 220 -14.37 11.98 26.93
C PHE A 220 -15.66 11.86 26.11
N LEU A 221 -15.85 10.72 25.47
CA LEU A 221 -17.06 10.48 24.67
C LEU A 221 -18.29 10.33 25.56
N SER A 222 -18.11 9.66 26.70
CA SER A 222 -19.21 9.48 27.64
C SER A 222 -19.46 10.75 28.44
N GLN A 223 -18.49 11.65 28.44
CA GLN A 223 -18.58 12.89 29.20
C GLN A 223 -19.20 14.03 28.38
N PHE A 224 -18.76 14.17 27.13
CA PHE A 224 -19.17 15.29 26.31
C PHE A 224 -20.16 14.90 25.20
N ASN A 225 -20.31 13.60 24.97
CA ASN A 225 -21.26 13.09 24.00
C ASN A 225 -22.13 11.99 24.59
N THR A 226 -22.60 12.22 25.82
CA THR A 226 -23.37 11.21 26.55
C THR A 226 -24.65 10.80 25.82
N LYS A 227 -25.31 11.77 25.20
CA LYS A 227 -26.53 11.51 24.45
C LYS A 227 -26.27 10.56 23.29
N GLU A 228 -25.18 10.79 22.58
CA GLU A 228 -24.82 9.95 21.43
C GLU A 228 -24.43 8.54 21.86
N VAL A 229 -23.69 8.43 22.96
CA VAL A 229 -23.25 7.13 23.46
C VAL A 229 -24.42 6.24 23.88
N ASP A 230 -25.30 6.80 24.71
CA ASP A 230 -26.45 6.05 25.21
C ASP A 230 -27.38 5.62 24.07
N GLU A 231 -27.54 6.48 23.07
CA GLU A 231 -28.38 6.15 21.92
C GLU A 231 -27.78 4.99 21.14
N MET A 232 -26.47 5.01 20.92
CA MET A 232 -25.78 3.94 20.22
C MET A 232 -25.89 2.62 20.98
N ILE A 233 -25.83 2.71 22.31
CA ILE A 233 -25.98 1.54 23.16
C ILE A 233 -27.34 0.86 22.97
N SER A 234 -28.37 1.67 22.73
CA SER A 234 -29.72 1.15 22.53
C SER A 234 -29.86 0.35 21.23
N TYR A 235 -28.85 0.43 20.38
CA TYR A 235 -28.84 -0.33 19.13
C TYR A 235 -27.76 -1.41 19.15
N SER A 236 -26.95 -1.43 20.20
CA SER A 236 -25.81 -2.33 20.27
C SER A 236 -26.15 -3.68 20.88
N ASN A 237 -25.68 -4.75 20.25
CA ASN A 237 -25.82 -6.10 20.80
C ASN A 237 -24.63 -6.45 21.68
N ILE A 238 -23.47 -5.87 21.34
CA ILE A 238 -22.25 -6.07 22.13
C ILE A 238 -21.58 -4.73 22.40
N VAL A 239 -21.31 -4.46 23.67
CA VAL A 239 -20.64 -3.21 24.04
C VAL A 239 -19.27 -3.47 24.67
N PHE A 240 -18.23 -2.95 24.03
CA PHE A 240 -16.86 -3.04 24.53
C PHE A 240 -16.46 -1.76 25.26
N GLY A 241 -15.64 -1.90 26.29
CA GLY A 241 -15.14 -0.76 27.04
C GLY A 241 -14.03 -1.15 28.00
N ASN A 242 -13.33 -0.15 28.55
CA ASN A 242 -12.35 -0.40 29.59
C ASN A 242 -12.73 0.28 30.90
N GLU A 243 -11.87 0.13 31.90
CA GLU A 243 -12.15 0.63 33.25
C GLU A 243 -12.35 2.14 33.29
N SER A 244 -11.43 2.88 32.66
CA SER A 244 -11.49 4.34 32.67
C SER A 244 -12.73 4.87 31.95
N GLU A 245 -13.12 4.21 30.87
CA GLU A 245 -14.34 4.58 30.16
C GLU A 245 -15.56 4.30 31.02
N ALA A 246 -15.53 3.17 31.74
CA ALA A 246 -16.65 2.78 32.59
C ALA A 246 -16.81 3.73 33.77
N GLU A 247 -15.69 4.16 34.35
CA GLU A 247 -15.73 5.09 35.47
C GLU A 247 -16.26 6.46 35.03
N ALA A 248 -15.89 6.88 33.83
CA ALA A 248 -16.36 8.16 33.31
C ALA A 248 -17.83 8.10 32.96
N TYR A 249 -18.25 6.95 32.40
CA TYR A 249 -19.64 6.73 32.03
C TYR A 249 -20.53 6.68 33.26
N GLY A 250 -20.09 5.94 34.28
CA GLY A 250 -20.84 5.79 35.50
C GLY A 250 -20.93 7.08 36.29
N GLU A 251 -19.88 7.89 36.22
CA GLU A 251 -19.85 9.18 36.90
C GLU A 251 -20.86 10.14 36.30
N VAL A 252 -20.96 10.15 34.98
CA VAL A 252 -21.88 11.05 34.29
C VAL A 252 -23.32 10.51 34.34
N HIS A 253 -23.49 9.29 34.84
CA HIS A 253 -24.81 8.71 35.00
C HIS A 253 -25.22 8.60 36.47
N GLY A 254 -24.40 9.16 37.35
CA GLY A 254 -24.71 9.17 38.78
C GLY A 254 -24.47 7.85 39.48
N LEU A 255 -23.79 6.93 38.81
CA LEU A 255 -23.46 5.64 39.40
C LEU A 255 -22.21 5.76 40.27
N LEU A 256 -22.40 6.19 41.51
CA LEU A 256 -21.28 6.54 42.39
C LEU A 256 -20.64 5.34 43.08
N GLU A 257 -21.42 4.57 43.81
CA GLU A 257 -20.90 3.40 44.51
C GLU A 257 -20.78 2.19 43.57
N ASP A 258 -19.63 1.53 43.62
CA ASP A 258 -19.32 0.41 42.72
C ASP A 258 -19.55 0.80 41.27
N THR A 259 -18.94 1.92 40.86
CA THR A 259 -19.18 2.54 39.57
C THR A 259 -19.00 1.59 38.38
N VAL A 260 -17.87 0.89 38.35
CA VAL A 260 -17.56 -0.03 37.25
C VAL A 260 -18.60 -1.12 37.13
N HIS A 261 -18.92 -1.77 38.24
CA HIS A 261 -19.95 -2.81 38.25
C HIS A 261 -21.32 -2.25 37.93
N ALA A 262 -21.61 -1.05 38.45
CA ALA A 262 -22.88 -0.41 38.20
C ALA A 262 -23.01 0.00 36.73
N THR A 263 -21.89 0.41 36.13
CA THR A 263 -21.88 0.81 34.74
C THR A 263 -22.20 -0.35 33.80
N ALA A 264 -21.57 -1.50 34.05
CA ALA A 264 -21.79 -2.68 33.22
C ALA A 264 -23.23 -3.15 33.31
N ARG A 265 -23.81 -3.06 34.51
CA ARG A 265 -25.20 -3.43 34.72
C ARG A 265 -26.14 -2.44 34.03
N TYR A 266 -25.81 -1.15 34.13
CA TYR A 266 -26.60 -0.09 33.52
C TYR A 266 -26.63 -0.24 32.00
N ILE A 267 -25.46 -0.39 31.39
CA ILE A 267 -25.35 -0.52 29.94
C ILE A 267 -26.04 -1.79 29.44
N ALA A 268 -25.94 -2.86 30.21
CA ALA A 268 -26.56 -4.13 29.83
C ALA A 268 -28.09 -4.07 29.89
N ASP A 269 -28.61 -3.26 30.81
CA ASP A 269 -30.03 -3.25 31.08
C ASP A 269 -30.80 -2.12 30.40
N LEU A 270 -30.10 -1.29 29.64
CA LEU A 270 -30.76 -0.21 28.90
C LEU A 270 -31.72 -0.78 27.87
N PRO A 271 -32.89 -0.17 27.72
CA PRO A 271 -33.86 -0.62 26.71
C PRO A 271 -33.29 -0.52 25.30
N PHE A 272 -33.56 -1.54 24.47
CA PHE A 272 -33.23 -1.45 23.06
C PHE A 272 -34.21 -0.47 22.39
N ALA A 273 -33.75 0.18 21.34
CA ALA A 273 -34.51 1.27 20.72
C ALA A 273 -35.83 0.83 20.07
N ASP A 274 -35.95 -0.46 19.76
CA ASP A 274 -37.18 -0.97 19.15
C ASP A 274 -38.13 -1.57 20.17
N GLY A 275 -37.64 -1.73 21.40
CA GLY A 275 -38.46 -2.22 22.50
C GLY A 275 -38.45 -3.73 22.65
N LYS A 276 -37.90 -4.44 21.66
CA LYS A 276 -37.86 -5.89 21.72
C LYS A 276 -36.85 -6.37 22.76
N LYS A 277 -37.21 -7.44 23.46
CA LYS A 277 -36.32 -8.00 24.48
C LYS A 277 -35.24 -8.88 23.85
N ARG A 278 -33.99 -8.52 24.08
CA ARG A 278 -32.86 -9.31 23.59
C ARG A 278 -31.64 -9.11 24.47
N LYS A 279 -30.67 -10.02 24.35
CA LYS A 279 -29.48 -9.96 25.18
C LYS A 279 -28.43 -9.01 24.62
N ARG A 280 -28.10 -7.98 25.38
CA ARG A 280 -26.95 -7.15 25.06
C ARG A 280 -25.76 -7.56 25.92
N LEU A 281 -24.65 -7.88 25.27
CA LEU A 281 -23.44 -8.29 25.98
C LEU A 281 -22.56 -7.09 26.28
N VAL A 282 -22.08 -7.01 27.52
CA VAL A 282 -21.20 -5.92 27.93
C VAL A 282 -19.89 -6.49 28.48
N ILE A 283 -18.78 -6.06 27.89
CA ILE A 283 -17.46 -6.52 28.29
C ILE A 283 -16.59 -5.33 28.70
N ILE A 284 -16.15 -5.33 29.95
CA ILE A 284 -15.29 -4.26 30.45
C ILE A 284 -13.90 -4.78 30.80
N THR A 285 -12.90 -4.38 30.02
CA THR A 285 -11.51 -4.74 30.32
C THR A 285 -10.96 -3.91 31.48
N ARG A 286 -10.07 -4.51 32.27
CA ARG A 286 -9.50 -3.84 33.43
C ARG A 286 -7.99 -4.05 33.51
N GLY A 287 -7.31 -3.92 32.38
CA GLY A 287 -5.88 -4.05 32.32
C GLY A 287 -5.40 -5.46 32.64
N LYS A 288 -4.46 -5.55 33.57
CA LYS A 288 -3.92 -6.84 33.99
C LYS A 288 -4.86 -7.53 34.95
N ASN A 289 -5.85 -6.79 35.44
CA ASN A 289 -6.86 -7.33 36.33
C ASN A 289 -7.98 -7.99 35.55
N PRO A 290 -8.72 -8.92 36.18
CA PRO A 290 -9.80 -9.65 35.50
C PRO A 290 -10.80 -8.74 34.82
N LEU A 291 -11.15 -9.05 33.58
CA LEU A 291 -12.16 -8.29 32.86
C LEU A 291 -13.54 -8.69 33.35
N LEU A 292 -14.50 -7.79 33.16
CA LEU A 292 -15.88 -8.07 33.58
C LEU A 292 -16.75 -8.31 32.35
N TYR A 293 -17.74 -9.20 32.49
CA TYR A 293 -18.71 -9.42 31.44
C TYR A 293 -20.07 -9.82 32.00
N THR A 294 -21.13 -9.34 31.36
CA THR A 294 -22.49 -9.64 31.78
C THR A 294 -23.46 -9.36 30.63
N ASP A 295 -24.73 -9.69 30.83
CA ASP A 295 -25.75 -9.42 29.82
C ASP A 295 -27.09 -9.04 30.46
N SER A 296 -28.05 -8.70 29.61
CA SER A 296 -29.37 -8.23 30.06
C SER A 296 -30.11 -9.27 30.89
N SER A 297 -29.94 -10.54 30.56
CA SER A 297 -30.65 -11.61 31.24
C SER A 297 -29.81 -12.24 32.35
N ASP A 298 -28.66 -11.63 32.64
CA ASP A 298 -27.78 -12.14 33.68
C ASP A 298 -27.76 -11.17 34.86
N SER A 299 -28.08 -11.68 36.04
CA SER A 299 -28.11 -10.86 37.25
C SER A 299 -26.74 -10.77 37.91
N GLU A 300 -25.79 -11.56 37.42
CA GLU A 300 -24.44 -11.56 37.96
C GLU A 300 -23.43 -10.95 36.99
N ILE A 301 -22.40 -10.31 37.54
CA ILE A 301 -21.31 -9.79 36.75
C ILE A 301 -20.07 -10.66 36.97
N HIS A 302 -19.65 -11.34 35.93
CA HIS A 302 -18.59 -12.34 36.04
C HIS A 302 -17.19 -11.76 35.85
N GLN A 303 -16.23 -12.33 36.57
CA GLN A 303 -14.82 -11.99 36.38
C GLN A 303 -14.17 -12.98 35.43
N PHE A 304 -13.18 -12.51 34.67
CA PHE A 304 -12.45 -13.37 33.76
C PHE A 304 -10.94 -13.10 33.88
N MET A 305 -10.22 -14.06 34.44
CA MET A 305 -8.79 -13.94 34.64
C MET A 305 -8.07 -13.74 33.30
N VAL A 306 -7.18 -12.75 33.25
CA VAL A 306 -6.44 -12.45 32.03
C VAL A 306 -4.95 -12.80 32.13
N GLU A 307 -4.34 -13.10 31.00
CA GLU A 307 -2.92 -13.44 30.93
C GLU A 307 -2.05 -12.25 31.31
N GLN A 308 -0.95 -12.52 32.02
CA GLN A 308 -0.03 -11.47 32.43
C GLN A 308 1.12 -11.30 31.44
N PHE A 309 1.64 -10.08 31.35
CA PHE A 309 2.73 -9.78 30.42
C PHE A 309 3.83 -8.97 31.10
N LYS A 310 4.82 -8.53 30.32
CA LYS A 310 5.92 -7.73 30.86
C LYS A 310 5.66 -6.24 30.73
N ASP A 311 5.05 -5.66 31.75
CA ASP A 311 4.72 -4.23 31.79
C ASP A 311 3.73 -3.81 30.69
N ASP A 312 2.94 -4.75 30.22
CA ASP A 312 1.92 -4.47 29.21
C ASP A 312 0.57 -5.04 29.63
N GLN A 313 -0.51 -4.53 29.04
CA GLN A 313 -1.85 -4.94 29.43
C GLN A 313 -2.80 -5.09 28.24
N ILE A 314 -3.95 -5.69 28.48
CA ILE A 314 -4.93 -5.97 27.44
C ILE A 314 -5.67 -4.71 26.98
N ILE A 315 -5.75 -3.71 27.86
CA ILE A 315 -6.50 -2.49 27.58
C ILE A 315 -5.96 -1.68 26.40
N ASP A 316 -4.64 -1.52 26.34
CA ASP A 316 -4.01 -0.74 25.28
C ASP A 316 -2.83 -1.47 24.65
N GLY A 319 -4.08 0.07 21.59
CA GLY A 319 -3.79 -0.82 20.49
C GLY A 319 -4.27 -2.24 20.73
N ALA A 320 -3.99 -2.76 21.92
CA ALA A 320 -4.38 -4.13 22.26
C ALA A 320 -5.88 -4.23 22.53
N GLY A 321 -6.49 -3.10 22.89
CA GLY A 321 -7.92 -3.04 23.10
C GLY A 321 -8.68 -3.29 21.82
N ASP A 322 -8.17 -2.75 20.72
CA ASP A 322 -8.78 -2.93 19.41
C ASP A 322 -8.64 -4.39 18.97
N ALA A 323 -7.52 -5.00 19.34
CA ALA A 323 -7.26 -6.39 19.02
C ALA A 323 -8.13 -7.30 19.86
N PHE A 324 -8.38 -6.90 21.10
CA PHE A 324 -9.26 -7.65 21.99
C PHE A 324 -10.66 -7.78 21.37
N ALA A 325 -11.17 -6.67 20.85
CA ALA A 325 -12.47 -6.67 20.21
C ALA A 325 -12.45 -7.55 18.96
N ALA A 326 -11.38 -7.45 18.19
CA ALA A 326 -11.24 -8.23 16.97
C ALA A 326 -11.19 -9.73 17.25
N GLY A 327 -10.41 -10.11 18.24
CA GLY A 327 -10.27 -11.50 18.63
C GLY A 327 -11.56 -12.10 19.16
N PHE A 328 -12.32 -11.31 19.90
CA PHE A 328 -13.60 -11.76 20.41
C PHE A 328 -14.59 -11.97 19.26
N ILE A 329 -14.71 -10.96 18.41
CA ILE A 329 -15.68 -10.96 17.33
C ILE A 329 -15.41 -12.06 16.30
N ALA A 330 -14.15 -12.21 15.90
CA ALA A 330 -13.76 -13.19 14.90
C ALA A 330 -14.19 -14.62 15.25
N ASP A 331 -14.20 -14.93 16.55
CA ASP A 331 -14.60 -16.25 17.01
C ASP A 331 -16.09 -16.33 17.34
N TYR A 332 -16.62 -15.27 17.95
CA TYR A 332 -18.01 -15.25 18.38
C TYR A 332 -19.00 -15.34 17.21
N ILE A 333 -18.64 -14.73 16.08
CA ILE A 333 -19.50 -14.76 14.91
C ILE A 333 -19.39 -16.10 14.17
N ARG A 334 -18.40 -16.90 14.56
CA ARG A 334 -18.21 -18.21 13.96
C ARG A 334 -18.70 -19.34 14.87
N GLY A 335 -19.58 -19.00 15.80
CA GLY A 335 -20.24 -20.00 16.62
C GLY A 335 -19.58 -20.32 17.95
N LYS A 336 -18.39 -19.79 18.18
CA LYS A 336 -17.67 -20.05 19.42
C LYS A 336 -18.41 -19.45 20.62
N PRO A 337 -18.45 -20.18 21.74
CA PRO A 337 -19.14 -19.69 22.94
C PRO A 337 -18.45 -18.49 23.57
N MET A 338 -19.08 -17.93 24.60
CA MET A 338 -18.60 -16.72 25.27
C MET A 338 -17.19 -16.84 25.82
N ILE A 339 -16.97 -17.86 26.66
CA ILE A 339 -15.67 -18.08 27.30
C ILE A 339 -14.56 -18.28 26.26
N THR A 340 -14.85 -19.09 25.25
CA THR A 340 -13.88 -19.40 24.19
C THR A 340 -13.50 -18.14 23.42
N SER A 341 -14.50 -17.31 23.14
CA SER A 341 -14.28 -16.06 22.42
C SER A 341 -13.43 -15.09 23.25
N LEU A 342 -13.62 -15.10 24.56
CA LEU A 342 -12.85 -14.25 25.46
C LEU A 342 -11.37 -14.64 25.46
N HIS A 343 -11.09 -15.93 25.37
CA HIS A 343 -9.71 -16.41 25.28
C HIS A 343 -9.11 -16.01 23.93
N ALA A 344 -9.93 -16.06 22.88
CA ALA A 344 -9.50 -15.64 21.55
C ALA A 344 -9.27 -14.14 21.54
N ALA A 345 -10.01 -13.43 22.38
CA ALA A 345 -9.85 -11.99 22.53
C ALA A 345 -8.52 -11.66 23.19
N VAL A 346 -8.22 -12.36 24.28
CA VAL A 346 -6.96 -12.18 25.00
C VAL A 346 -5.77 -12.59 24.13
N LYS A 347 -5.95 -13.67 23.38
CA LYS A 347 -4.93 -14.15 22.46
C LYS A 347 -4.58 -13.10 21.41
N ALA A 348 -5.60 -12.45 20.88
CA ALA A 348 -5.42 -11.43 19.85
C ALA A 348 -4.70 -10.20 20.39
N ALA A 349 -5.02 -9.82 21.61
CA ALA A 349 -4.38 -8.67 22.25
C ALA A 349 -2.94 -9.01 22.64
N ALA A 350 -2.72 -10.25 23.07
CA ALA A 350 -1.39 -10.73 23.44
C ALA A 350 -0.45 -10.71 22.24
N TYR A 351 -1.01 -10.94 21.05
CA TYR A 351 -0.23 -10.94 19.81
C TYR A 351 0.25 -9.54 19.47
N ILE A 352 -0.64 -8.56 19.62
CA ILE A 352 -0.29 -7.16 19.35
C ILE A 352 0.67 -6.63 20.40
N ILE A 353 0.50 -7.08 21.65
CA ILE A 353 1.42 -6.74 22.72
C ILE A 353 2.83 -7.25 22.42
N CYS A 354 2.91 -8.51 22.01
CA CYS A 354 4.20 -9.15 21.71
C CYS A 354 4.94 -8.45 20.58
N ARG A 355 4.19 -7.78 19.70
CA ARG A 355 4.79 -7.04 18.60
C ARG A 355 4.84 -5.55 18.90
N SER A 356 5.58 -4.81 18.08
CA SER A 356 5.70 -3.36 18.25
C SER A 356 4.49 -2.65 17.65
N GLY A 357 3.61 -2.17 18.52
CA GLY A 357 2.41 -1.49 18.08
C GLY A 357 1.43 -2.42 17.40
N PHE A 358 0.55 -1.86 16.58
CA PHE A 358 -0.46 -2.66 15.89
C PHE A 358 -0.02 -3.01 14.47
N SER A 359 0.72 -4.10 14.34
CA SER A 359 1.16 -4.57 13.04
C SER A 359 0.91 -6.07 12.91
N LEU A 360 0.31 -6.48 11.80
CA LEU A 360 -0.03 -7.88 11.59
C LEU A 360 1.01 -8.56 10.69
N GLY A 361 1.77 -9.48 11.28
CA GLY A 361 2.81 -10.17 10.54
C GLY A 361 2.30 -11.41 9.82
N SER A 362 3.12 -12.46 9.83
CA SER A 362 2.75 -13.73 9.20
C SER A 362 1.60 -14.39 9.94
N ARG A 363 0.57 -14.80 9.20
CA ARG A 363 -0.62 -15.38 9.78
C ARG A 363 -0.34 -16.73 10.44
N ASP A 364 0.57 -17.50 9.87
CA ASP A 364 0.91 -18.81 10.42
C ASP A 364 1.70 -18.70 11.72
N SER A 365 2.20 -17.50 12.00
CA SER A 365 2.94 -17.25 13.23
C SER A 365 2.02 -16.63 14.28
N TYR A 366 0.82 -17.18 14.40
CA TYR A 366 -0.19 -16.68 15.31
C TYR A 366 -0.72 -17.80 16.20
N SER A 367 -0.45 -19.03 15.78
CA SER A 367 -0.91 -20.23 16.48
C SER A 367 -2.43 -20.29 16.60
N ASP B 23 5.35 -24.85 -11.04
CA ASP B 23 6.19 -24.92 -12.22
C ASP B 23 7.56 -24.29 -11.97
N LEU B 24 7.61 -22.97 -11.99
CA LEU B 24 8.85 -22.24 -11.74
C LEU B 24 9.17 -22.18 -10.26
N SER B 25 10.46 -22.24 -9.92
CA SER B 25 10.90 -22.16 -8.54
C SER B 25 10.80 -20.72 -8.05
N GLU B 26 10.74 -20.55 -6.73
CA GLU B 26 10.67 -19.21 -6.14
C GLU B 26 11.99 -18.47 -6.34
N GLY B 27 11.88 -17.20 -6.73
CA GLY B 27 13.06 -16.39 -6.98
C GLY B 27 13.68 -16.69 -8.33
N TYR B 28 12.88 -17.24 -9.23
CA TYR B 28 13.35 -17.59 -10.58
C TYR B 28 13.70 -16.33 -11.37
N VAL B 29 12.96 -15.26 -11.13
CA VAL B 29 13.17 -14.00 -11.83
C VAL B 29 13.70 -12.92 -10.90
N PHE B 30 14.84 -12.34 -11.26
CA PHE B 30 15.43 -11.28 -10.45
C PHE B 30 15.46 -9.96 -11.20
N GLY B 31 15.14 -8.88 -10.49
CA GLY B 31 15.19 -7.56 -11.07
C GLY B 31 15.84 -6.57 -10.14
N MET B 32 16.63 -5.66 -10.70
CA MET B 32 17.26 -4.61 -9.90
C MET B 32 17.08 -3.28 -10.61
N GLY B 33 16.55 -2.29 -9.89
CA GLY B 33 16.28 -1.00 -10.50
C GLY B 33 16.12 0.14 -9.52
N ASN B 34 15.36 1.15 -9.94
CA ASN B 34 15.13 2.33 -9.14
C ASN B 34 13.67 2.43 -8.72
N PRO B 35 13.38 2.12 -7.44
CA PRO B 35 12.01 2.22 -6.92
C PRO B 35 11.58 3.68 -6.75
N LEU B 36 10.75 4.16 -7.68
CA LEU B 36 10.34 5.55 -7.71
C LEU B 36 8.85 5.71 -7.49
N LEU B 37 8.45 6.87 -6.98
CA LEU B 37 7.04 7.18 -6.83
C LEU B 37 6.58 8.10 -7.94
N ASP B 38 5.59 7.66 -8.71
CA ASP B 38 5.06 8.48 -9.79
C ASP B 38 4.03 9.49 -9.27
N ILE B 39 4.19 10.73 -9.69
CA ILE B 39 3.24 11.78 -9.35
C ILE B 39 2.56 12.25 -10.62
N ILE B 40 1.45 11.61 -10.96
CA ILE B 40 0.73 11.91 -12.18
C ILE B 40 -0.16 13.14 -12.01
N VAL B 41 0.01 14.11 -12.91
CA VAL B 41 -0.66 15.39 -12.78
C VAL B 41 -1.22 15.85 -14.12
N ASP B 42 -2.42 16.44 -14.09
CA ASP B 42 -2.98 17.07 -15.26
C ASP B 42 -2.27 18.41 -15.46
N ALA B 43 -1.23 18.39 -16.29
CA ALA B 43 -0.37 19.56 -16.46
C ALA B 43 -0.94 20.58 -17.44
N ASP B 44 -0.63 21.85 -17.19
CA ASP B 44 -1.03 22.93 -18.09
C ASP B 44 -0.05 23.01 -19.26
N ASP B 45 -0.41 23.78 -20.28
CA ASP B 45 0.37 23.86 -21.51
C ASP B 45 1.71 24.55 -21.32
N PHE B 46 1.76 25.54 -20.42
CA PHE B 46 2.97 26.32 -20.21
C PHE B 46 4.09 25.49 -19.58
N MET B 47 3.73 24.42 -18.89
CA MET B 47 4.69 23.57 -18.20
C MET B 47 5.73 23.00 -19.15
N TYR B 48 5.31 22.67 -20.37
CA TYR B 48 6.20 22.07 -21.36
C TYR B 48 7.12 23.12 -21.99
N ARG B 49 6.67 24.37 -22.00
CA ARG B 49 7.50 25.47 -22.46
C ARG B 49 8.43 25.93 -21.35
N LYS B 50 7.91 25.92 -20.13
CA LYS B 50 8.66 26.40 -18.96
C LYS B 50 9.86 25.51 -18.64
N TYR B 51 9.63 24.19 -18.59
CA TYR B 51 10.69 23.26 -18.23
C TYR B 51 11.32 22.59 -19.44
N ASN B 52 10.94 23.06 -20.63
CA ASN B 52 11.49 22.56 -21.89
C ASN B 52 11.36 21.04 -22.05
N LEU B 53 10.13 20.55 -22.03
CA LEU B 53 9.87 19.12 -22.10
C LEU B 53 9.32 18.72 -23.47
N LYS B 54 9.57 17.49 -23.88
CA LYS B 54 9.11 17.01 -25.18
C LYS B 54 8.14 15.83 -25.05
N LYS B 55 7.56 15.44 -26.17
CA LYS B 55 6.56 14.37 -26.19
C LYS B 55 7.13 12.99 -25.87
N ASP B 56 6.47 12.28 -24.95
CA ASP B 56 6.84 10.92 -24.57
C ASP B 56 8.31 10.78 -24.20
N ASN B 57 8.88 11.84 -23.63
CA ASN B 57 10.30 11.84 -23.29
C ASN B 57 10.53 11.80 -21.78
N ILE B 58 11.74 11.41 -21.39
CA ILE B 58 12.12 11.33 -19.99
CA ILE B 58 12.12 11.36 -19.99
C ILE B 58 13.44 12.07 -19.76
N VAL B 59 13.45 12.98 -18.79
CA VAL B 59 14.67 13.69 -18.44
C VAL B 59 14.98 13.56 -16.95
N LEU B 60 16.25 13.53 -16.60
CA LEU B 60 16.66 13.51 -15.21
C LEU B 60 16.67 14.93 -14.66
N ALA B 61 16.14 15.09 -13.45
CA ALA B 61 15.96 16.41 -12.86
C ALA B 61 17.27 17.15 -12.62
N GLU B 62 17.40 18.31 -13.25
CA GLU B 62 18.50 19.22 -12.98
C GLU B 62 17.97 20.36 -12.13
N GLU B 63 18.83 21.33 -11.82
CA GLU B 63 18.43 22.46 -10.98
C GLU B 63 17.27 23.23 -11.60
N LYS B 64 17.31 23.42 -12.91
CA LYS B 64 16.28 24.17 -13.63
C LYS B 64 14.93 23.45 -13.65
N HIS B 65 14.90 22.21 -13.21
CA HIS B 65 13.66 21.45 -13.15
C HIS B 65 13.10 21.36 -11.75
N MET B 66 13.94 21.63 -10.75
CA MET B 66 13.60 21.36 -9.35
C MET B 66 12.33 22.01 -8.83
N THR B 67 11.90 23.11 -9.43
CA THR B 67 10.70 23.80 -8.99
C THR B 67 9.41 23.09 -9.43
N ILE B 68 9.55 22.11 -10.33
CA ILE B 68 8.39 21.43 -10.88
C ILE B 68 7.64 20.62 -9.83
N TYR B 69 8.37 20.14 -8.82
CA TYR B 69 7.78 19.26 -7.83
C TYR B 69 6.90 20.00 -6.83
N ASP B 70 7.32 21.21 -6.46
CA ASP B 70 6.52 22.05 -5.57
C ASP B 70 5.38 22.69 -6.35
N GLU B 71 5.57 22.82 -7.66
CA GLU B 71 4.57 23.45 -8.52
C GLU B 71 3.38 22.53 -8.78
N ILE B 72 3.65 21.25 -8.97
CA ILE B 72 2.58 20.28 -9.24
C ILE B 72 1.81 19.93 -7.97
N GLN B 73 2.42 20.17 -6.80
CA GLN B 73 1.75 19.95 -5.53
C GLN B 73 0.64 20.97 -5.31
N LYS B 74 0.72 22.08 -6.02
CA LYS B 74 -0.32 23.11 -5.96
C LYS B 74 -1.53 22.68 -6.75
N LYS B 75 -1.30 21.90 -7.80
CA LYS B 75 -2.38 21.36 -8.62
C LYS B 75 -3.14 20.28 -7.86
N LYS B 76 -4.46 20.38 -7.86
CA LYS B 76 -5.30 19.37 -7.24
C LYS B 76 -5.48 18.17 -8.16
N LYS B 77 -6.19 17.17 -7.68
CA LYS B 77 -6.47 15.95 -8.44
C LYS B 77 -5.19 15.22 -8.84
N LEU B 78 -4.24 15.16 -7.92
CA LEU B 78 -2.99 14.44 -8.14
C LEU B 78 -3.18 12.94 -7.98
N ASN B 79 -2.38 12.17 -8.71
CA ASN B 79 -2.43 10.71 -8.59
C ASN B 79 -1.07 10.14 -8.20
N TYR B 80 -0.98 9.61 -6.97
CA TYR B 80 0.24 8.99 -6.48
C TYR B 80 0.18 7.48 -6.69
N ILE B 81 1.23 6.93 -7.32
CA ILE B 81 1.28 5.50 -7.59
C ILE B 81 2.74 5.03 -7.75
N ALA B 82 3.02 3.86 -7.19
CA ALA B 82 4.38 3.30 -7.23
C ALA B 82 4.87 3.11 -8.67
N GLY B 83 6.09 3.58 -8.94
CA GLY B 83 6.67 3.51 -10.26
C GLY B 83 8.02 2.83 -10.29
N GLY B 84 8.84 3.20 -11.26
CA GLY B 84 10.13 2.56 -11.46
C GLY B 84 10.04 1.53 -12.56
N ALA B 85 10.80 1.74 -13.63
CA ALA B 85 10.73 0.89 -14.82
C ALA B 85 10.97 -0.59 -14.52
N THR B 86 12.11 -0.91 -13.93
CA THR B 86 12.44 -2.29 -13.58
C THR B 86 11.40 -2.88 -12.62
N LEU B 87 11.02 -2.09 -11.63
CA LEU B 87 10.04 -2.54 -10.63
C LEU B 87 8.69 -2.85 -11.25
N ASN B 88 8.24 -1.99 -12.17
CA ASN B 88 6.97 -2.19 -12.86
C ASN B 88 6.94 -3.52 -13.63
N THR B 89 8.00 -3.78 -14.39
CA THR B 89 8.12 -4.99 -15.19
C THR B 89 8.14 -6.24 -14.32
N VAL B 90 9.02 -6.26 -13.32
CA VAL B 90 9.17 -7.39 -12.43
C VAL B 90 7.90 -7.68 -11.63
N LYS B 91 7.26 -6.64 -11.14
CA LYS B 91 6.05 -6.81 -10.33
C LYS B 91 4.88 -7.34 -11.17
N MET B 92 4.86 -6.99 -12.45
CA MET B 92 3.79 -7.46 -13.32
C MET B 92 4.01 -8.91 -13.76
N ILE B 93 5.27 -9.30 -13.90
CA ILE B 93 5.60 -10.68 -14.20
C ILE B 93 5.11 -11.56 -13.05
N GLN B 94 5.45 -11.16 -11.83
CA GLN B 94 4.97 -11.83 -10.62
C GLN B 94 3.46 -11.85 -10.59
N TRP B 95 2.84 -10.76 -11.05
CA TRP B 95 1.40 -10.65 -11.12
C TRP B 95 0.83 -11.61 -12.16
N ILE B 96 1.48 -11.69 -13.32
CA ILE B 96 1.03 -12.58 -14.40
C ILE B 96 1.18 -14.04 -14.04
N ILE B 97 2.37 -14.44 -13.61
CA ILE B 97 2.63 -15.83 -13.23
C ILE B 97 1.71 -16.26 -12.09
N GLN B 98 1.38 -15.31 -11.22
CA GLN B 98 0.43 -15.51 -10.12
C GLN B 98 0.90 -16.52 -9.08
N LYS B 99 2.14 -16.98 -9.21
CA LYS B 99 2.74 -17.86 -8.21
C LYS B 99 3.62 -17.04 -7.28
N PRO B 100 3.34 -17.13 -5.96
CA PRO B 100 4.03 -16.32 -4.95
C PRO B 100 5.55 -16.50 -4.95
N PHE B 101 6.25 -15.37 -4.79
CA PHE B 101 7.70 -15.35 -4.58
C PHE B 101 8.52 -15.83 -5.77
N VAL B 102 7.91 -15.86 -6.95
CA VAL B 102 8.63 -16.23 -8.17
C VAL B 102 9.63 -15.14 -8.56
N CYS B 103 9.22 -13.88 -8.38
CA CYS B 103 10.08 -12.75 -8.73
C CYS B 103 10.73 -12.12 -7.51
N SER B 104 11.97 -11.65 -7.68
CA SER B 104 12.69 -10.95 -6.63
C SER B 104 13.10 -9.56 -7.11
N TYR B 105 13.15 -8.60 -6.20
CA TYR B 105 13.52 -7.23 -6.55
C TYR B 105 14.45 -6.59 -5.53
N VAL B 106 15.46 -5.89 -6.04
CA VAL B 106 16.39 -5.14 -5.19
C VAL B 106 16.49 -3.70 -5.66
N GLY B 107 16.26 -2.77 -4.73
CA GLY B 107 16.34 -1.35 -5.03
C GLY B 107 16.68 -0.56 -3.79
N CYS B 108 16.78 0.76 -3.93
CA CYS B 108 17.09 1.62 -2.80
C CYS B 108 16.04 2.69 -2.58
N ILE B 109 15.36 2.63 -1.44
CA ILE B 109 14.39 3.64 -1.06
C ILE B 109 14.90 4.42 0.13
N GLY B 110 14.13 5.42 0.55
CA GLY B 110 14.46 6.21 1.72
C GLY B 110 13.64 5.79 2.92
N ALA B 111 13.98 6.33 4.09
CA ALA B 111 13.24 6.03 5.31
C ALA B 111 12.05 6.97 5.46
N ASP B 112 11.18 6.98 4.44
CA ASP B 112 10.01 7.86 4.44
C ASP B 112 8.73 7.08 4.18
N ILE B 113 7.61 7.80 4.20
CA ILE B 113 6.31 7.18 3.96
C ILE B 113 6.20 6.64 2.53
N GLN B 114 6.84 7.34 1.59
CA GLN B 114 6.81 6.97 0.19
C GLN B 114 7.48 5.61 -0.04
N GLY B 115 8.63 5.42 0.60
CA GLY B 115 9.36 4.17 0.48
C GLY B 115 8.63 3.02 1.13
N LYS B 116 7.95 3.30 2.24
CA LYS B 116 7.22 2.27 2.97
C LYS B 116 5.96 1.87 2.20
N TYR B 117 5.41 2.81 1.44
CA TYR B 117 4.26 2.53 0.58
C TYR B 117 4.66 1.61 -0.58
N ILE B 118 5.82 1.90 -1.17
CA ILE B 118 6.34 1.10 -2.27
C ILE B 118 6.65 -0.32 -1.83
N LYS B 119 7.29 -0.46 -0.67
CA LYS B 119 7.64 -1.77 -0.14
C LYS B 119 6.41 -2.61 0.17
N ASN B 120 5.38 -1.99 0.73
CA ASN B 120 4.15 -2.70 1.06
C ASN B 120 3.34 -3.07 -0.18
N ASP B 121 3.53 -2.31 -1.25
CA ASP B 121 2.86 -2.60 -2.50
C ASP B 121 3.47 -3.84 -3.15
N CYS B 122 4.78 -4.01 -2.96
CA CYS B 122 5.48 -5.19 -3.46
C CYS B 122 5.07 -6.43 -2.68
N SER B 123 5.07 -6.31 -1.36
CA SER B 123 4.74 -7.43 -0.48
C SER B 123 3.31 -7.92 -0.69
N ALA B 124 2.42 -7.00 -1.07
CA ALA B 124 1.03 -7.34 -1.34
C ALA B 124 0.91 -8.22 -2.57
N LEU B 125 1.86 -8.07 -3.49
CA LEU B 125 1.87 -8.83 -4.73
C LEU B 125 2.76 -10.06 -4.63
N ASP B 126 3.10 -10.43 -3.39
CA ASP B 126 3.97 -11.59 -3.13
C ASP B 126 5.35 -11.46 -3.78
N LEU B 127 5.82 -10.22 -3.92
CA LEU B 127 7.13 -9.96 -4.49
C LEU B 127 8.19 -9.93 -3.40
N VAL B 128 9.16 -10.83 -3.48
CA VAL B 128 10.26 -10.87 -2.52
C VAL B 128 11.21 -9.72 -2.77
N THR B 129 11.33 -8.82 -1.80
CA THR B 129 12.18 -7.66 -1.96
C THR B 129 13.25 -7.55 -0.87
N GLU B 130 14.42 -7.07 -1.26
CA GLU B 130 15.46 -6.71 -0.31
C GLU B 130 15.90 -5.27 -0.57
N PHE B 131 15.03 -4.34 -0.20
CA PHE B 131 15.29 -2.92 -0.41
C PHE B 131 16.46 -2.44 0.44
N GLN B 132 17.27 -1.56 -0.16
CA GLN B 132 18.32 -0.88 0.58
C GLN B 132 17.74 0.44 1.08
N ILE B 133 18.01 0.76 2.35
CA ILE B 133 17.52 2.01 2.91
C ILE B 133 18.62 3.05 2.89
N ALA B 134 18.37 4.15 2.19
CA ALA B 134 19.35 5.22 2.08
C ALA B 134 19.43 6.01 3.39
N GLU B 135 20.57 6.63 3.64
CA GLU B 135 20.76 7.44 4.84
C GLU B 135 19.96 8.74 4.77
N GLU B 136 19.18 9.00 5.81
CA GLU B 136 18.39 10.22 5.90
C GLU B 136 19.30 11.44 5.89
N PRO B 137 18.80 12.59 5.41
CA PRO B 137 17.42 12.85 4.95
C PRO B 137 17.21 12.57 3.46
N LEU B 138 17.99 11.67 2.88
CA LEU B 138 17.81 11.32 1.48
C LEU B 138 16.49 10.57 1.29
N MET B 139 15.55 11.20 0.59
CA MET B 139 14.20 10.66 0.46
C MET B 139 14.01 9.82 -0.80
N THR B 140 12.97 9.00 -0.80
CA THR B 140 12.64 8.13 -1.92
C THR B 140 12.46 8.93 -3.21
N GLY B 141 13.03 8.43 -4.29
CA GLY B 141 12.94 9.07 -5.59
C GLY B 141 11.53 9.26 -6.08
N LYS B 142 11.34 10.20 -6.99
CA LYS B 142 10.01 10.55 -7.49
C LYS B 142 10.05 10.89 -8.98
N VAL B 143 8.93 10.71 -9.65
CA VAL B 143 8.82 11.06 -11.06
C VAL B 143 7.63 11.98 -11.29
N ALA B 144 7.90 13.17 -11.82
CA ALA B 144 6.83 14.07 -12.20
C ALA B 144 6.29 13.65 -13.57
N VAL B 145 5.09 13.06 -13.57
CA VAL B 145 4.47 12.62 -14.82
C VAL B 145 3.43 13.64 -15.27
N LEU B 146 3.82 14.47 -16.23
CA LEU B 146 2.96 15.53 -16.72
C LEU B 146 2.06 15.03 -17.84
N VAL B 147 0.75 15.05 -17.61
CA VAL B 147 -0.20 14.51 -18.58
C VAL B 147 -1.09 15.59 -19.17
N SER B 148 -1.18 15.60 -20.50
CA SER B 148 -2.07 16.49 -21.21
C SER B 148 -2.57 15.83 -22.48
N GLU B 149 -3.53 16.46 -23.16
CA GLU B 149 -4.10 15.91 -24.37
C GLU B 149 -3.12 15.98 -25.54
N LYS B 150 -2.10 16.82 -25.39
CA LYS B 150 -1.11 17.02 -26.45
C LYS B 150 0.21 16.27 -26.17
N LEU B 151 0.65 16.30 -24.91
CA LEU B 151 1.90 15.65 -24.54
C LEU B 151 1.83 14.90 -23.22
N ARG B 152 2.77 13.97 -23.04
CA ARG B 152 2.98 13.32 -21.75
C ARG B 152 4.48 13.17 -21.50
N SER B 153 5.02 14.02 -20.63
CA SER B 153 6.46 14.05 -20.38
C SER B 153 6.78 13.75 -18.92
N MET B 154 7.99 13.24 -18.68
CA MET B 154 8.40 12.86 -17.33
C MET B 154 9.68 13.57 -16.89
N VAL B 155 9.68 14.01 -15.63
CA VAL B 155 10.88 14.57 -15.01
C VAL B 155 11.18 13.78 -13.75
N THR B 156 12.36 13.17 -13.71
CA THR B 156 12.68 12.21 -12.65
C THR B 156 13.76 12.68 -11.69
N TYR B 157 13.42 12.65 -10.40
CA TYR B 157 14.39 12.89 -9.35
C TYR B 157 14.70 11.56 -8.68
N LEU B 158 15.86 10.99 -9.01
CA LEU B 158 16.24 9.66 -8.56
C LEU B 158 16.32 9.53 -7.03
N GLY B 159 16.83 10.58 -6.39
CA GLY B 159 16.92 10.61 -4.93
C GLY B 159 17.63 9.43 -4.30
N ALA B 160 16.89 8.66 -3.51
CA ALA B 160 17.46 7.54 -2.77
C ALA B 160 17.96 6.42 -3.69
N ALA B 161 17.41 6.37 -4.90
CA ALA B 161 17.77 5.32 -5.86
C ALA B 161 19.24 5.37 -6.25
N CYS B 162 19.85 6.54 -6.14
CA CYS B 162 21.27 6.71 -6.46
C CYS B 162 22.19 5.99 -5.48
N ASP B 163 21.72 5.79 -4.25
CA ASP B 163 22.54 5.19 -3.20
C ASP B 163 22.54 3.67 -3.23
N LEU B 164 21.98 3.09 -4.29
CA LEU B 164 22.07 1.65 -4.50
C LEU B 164 23.54 1.28 -4.70
N SER B 165 24.08 0.51 -3.76
CA SER B 165 25.51 0.20 -3.78
C SER B 165 25.77 -1.27 -4.07
N LEU B 166 27.02 -1.57 -4.44
CA LEU B 166 27.42 -2.94 -4.69
C LEU B 166 27.56 -3.70 -3.37
N ALA B 167 27.86 -2.96 -2.30
CA ALA B 167 28.00 -3.54 -0.98
C ALA B 167 26.70 -4.19 -0.51
N HIS B 168 25.59 -3.52 -0.78
CA HIS B 168 24.27 -4.03 -0.42
C HIS B 168 23.96 -5.30 -1.20
N ILE B 169 24.26 -5.29 -2.48
CA ILE B 169 24.00 -6.43 -3.36
C ILE B 169 24.89 -7.61 -3.01
N GLU B 170 26.13 -7.33 -2.64
CA GLU B 170 27.09 -8.38 -2.32
C GLU B 170 26.86 -9.03 -0.96
N GLN B 171 25.86 -8.54 -0.23
CA GLN B 171 25.45 -9.18 1.01
C GLN B 171 24.95 -10.58 0.71
N PRO B 172 25.37 -11.57 1.52
CA PRO B 172 25.06 -12.99 1.32
C PRO B 172 23.56 -13.24 1.17
N HIS B 173 22.74 -12.53 1.93
CA HIS B 173 21.29 -12.71 1.89
C HIS B 173 20.68 -12.01 0.69
N VAL B 174 21.41 -11.07 0.11
CA VAL B 174 20.94 -10.35 -1.07
C VAL B 174 21.45 -11.02 -2.35
N TRP B 175 22.75 -11.35 -2.37
CA TRP B 175 23.35 -11.99 -3.53
C TRP B 175 22.80 -13.41 -3.71
N SER B 176 22.14 -13.91 -2.67
CA SER B 176 21.46 -15.20 -2.75
C SER B 176 20.35 -15.17 -3.79
N LEU B 177 19.64 -14.06 -3.86
CA LEU B 177 18.55 -13.90 -4.81
C LEU B 177 19.07 -13.93 -6.24
N VAL B 178 20.24 -13.33 -6.45
CA VAL B 178 20.89 -13.36 -7.75
C VAL B 178 21.33 -14.78 -8.07
N GLU B 179 21.76 -15.50 -7.05
CA GLU B 179 22.29 -16.86 -7.21
C GLU B 179 21.21 -17.83 -7.63
N LYS B 180 20.04 -17.72 -7.02
CA LYS B 180 18.94 -18.66 -7.26
C LYS B 180 18.14 -18.35 -8.52
N ALA B 181 18.33 -17.14 -9.05
CA ALA B 181 17.60 -16.70 -10.23
C ALA B 181 18.14 -17.29 -11.52
N GLN B 182 17.26 -17.47 -12.50
CA GLN B 182 17.67 -17.96 -13.82
C GLN B 182 17.38 -16.91 -14.88
N VAL B 183 16.55 -15.94 -14.53
CA VAL B 183 16.18 -14.86 -15.45
C VAL B 183 16.36 -13.50 -14.78
N TYR B 184 17.03 -12.59 -15.48
CA TYR B 184 17.26 -11.25 -14.95
C TYR B 184 16.66 -10.18 -15.85
N TYR B 185 16.08 -9.15 -15.24
CA TYR B 185 15.63 -7.99 -15.98
C TYR B 185 16.15 -6.71 -15.34
N ILE B 186 16.98 -5.98 -16.08
CA ILE B 186 17.51 -4.71 -15.61
C ILE B 186 17.36 -3.64 -16.68
N ALA B 187 16.54 -2.64 -16.40
CA ALA B 187 16.35 -1.54 -17.34
C ALA B 187 17.60 -0.69 -17.43
N GLY B 188 17.75 0.02 -18.55
CA GLY B 188 18.91 0.86 -18.76
C GLY B 188 19.00 2.01 -17.77
N PHE B 189 17.90 2.31 -17.11
CA PHE B 189 17.85 3.37 -16.11
C PHE B 189 18.78 3.15 -14.92
N VAL B 190 19.11 1.88 -14.66
CA VAL B 190 19.96 1.53 -13.53
C VAL B 190 21.41 1.96 -13.76
N ILE B 191 21.74 2.24 -15.02
CA ILE B 191 23.07 2.73 -15.38
C ILE B 191 23.42 3.99 -14.60
N ASN B 192 22.44 4.87 -14.42
CA ASN B 192 22.65 6.13 -13.73
C ASN B 192 22.78 5.98 -12.21
N THR B 193 22.32 4.84 -11.68
CA THR B 193 22.26 4.66 -10.24
C THR B 193 23.30 3.67 -9.70
N CYS B 194 23.37 2.48 -10.29
CA CYS B 194 24.32 1.47 -9.82
C CYS B 194 24.80 0.58 -10.95
N TYR B 195 25.59 1.16 -11.85
CA TYR B 195 26.11 0.42 -12.99
C TYR B 195 27.03 -0.73 -12.56
N GLU B 196 27.75 -0.51 -11.46
CA GLU B 196 28.66 -1.52 -10.92
C GLU B 196 27.90 -2.76 -10.47
N GLY B 197 26.66 -2.56 -10.01
CA GLY B 197 25.83 -3.66 -9.57
C GLY B 197 25.27 -4.47 -10.71
N MET B 198 24.71 -3.79 -11.72
CA MET B 198 24.12 -4.47 -12.86
C MET B 198 25.17 -5.17 -13.71
N LEU B 199 26.36 -4.57 -13.81
CA LEU B 199 27.46 -5.16 -14.55
C LEU B 199 27.92 -6.47 -13.92
N LYS B 200 27.90 -6.52 -12.59
CA LYS B 200 28.30 -7.72 -11.86
C LYS B 200 27.30 -8.86 -12.08
N ILE B 201 26.03 -8.52 -12.02
CA ILE B 201 24.97 -9.50 -12.23
C ILE B 201 24.96 -9.99 -13.68
N ALA B 202 25.24 -9.06 -14.60
CA ALA B 202 25.29 -9.39 -16.02
C ALA B 202 26.42 -10.38 -16.33
N LYS B 203 27.57 -10.18 -15.68
CA LYS B 203 28.70 -11.09 -15.84
C LYS B 203 28.36 -12.46 -15.27
N HIS B 204 27.70 -12.46 -14.12
CA HIS B 204 27.25 -13.70 -13.47
C HIS B 204 26.28 -14.48 -14.35
N SER B 205 25.31 -13.78 -14.92
CA SER B 205 24.31 -14.40 -15.79
C SER B 205 24.94 -15.07 -17.00
N LEU B 206 25.88 -14.38 -17.63
CA LEU B 206 26.55 -14.90 -18.82
C LEU B 206 27.48 -16.06 -18.45
N GLU B 207 28.12 -15.94 -17.30
CA GLU B 207 29.02 -16.98 -16.81
C GLU B 207 28.27 -18.27 -16.51
N ASN B 208 27.10 -18.13 -15.88
CA ASN B 208 26.27 -19.28 -15.54
C ASN B 208 25.27 -19.63 -16.62
N GLU B 209 25.43 -19.02 -17.79
CA GLU B 209 24.55 -19.28 -18.93
C GLU B 209 23.08 -19.07 -18.60
N LYS B 210 22.77 -17.92 -18.01
CA LYS B 210 21.39 -17.61 -17.64
C LYS B 210 20.78 -16.61 -18.61
N LEU B 211 19.51 -16.27 -18.39
CA LEU B 211 18.80 -15.36 -19.28
C LEU B 211 18.80 -13.93 -18.73
N PHE B 212 19.54 -13.04 -19.40
CA PHE B 212 19.62 -11.66 -18.99
C PHE B 212 18.86 -10.75 -19.96
N CYS B 213 17.85 -10.04 -19.45
CA CYS B 213 17.04 -9.16 -20.27
C CYS B 213 17.36 -7.70 -20.02
N PHE B 214 17.60 -6.95 -21.08
CA PHE B 214 17.98 -5.55 -20.97
C PHE B 214 17.00 -4.64 -21.71
N ASN B 215 16.83 -3.43 -21.21
CA ASN B 215 15.93 -2.46 -21.83
C ASN B 215 16.66 -1.15 -22.11
N LEU B 216 16.50 -0.62 -23.32
CA LEU B 216 17.13 0.65 -23.68
C LEU B 216 16.54 1.81 -22.87
N SER B 217 15.32 1.62 -22.39
CA SER B 217 14.68 2.54 -21.43
C SER B 217 14.41 3.95 -21.96
N ALA B 218 15.45 4.63 -22.43
CA ALA B 218 15.33 6.02 -22.85
C ALA B 218 16.45 6.42 -23.80
N PRO B 219 16.16 7.32 -24.76
CA PRO B 219 17.13 7.78 -25.75
C PRO B 219 18.40 8.39 -25.13
N PHE B 220 18.28 9.07 -23.99
CA PHE B 220 19.44 9.75 -23.41
C PHE B 220 20.53 8.78 -22.95
N LEU B 221 20.15 7.52 -22.74
CA LEU B 221 21.09 6.50 -22.31
C LEU B 221 22.03 6.07 -23.44
N SER B 222 21.49 6.01 -24.65
CA SER B 222 22.29 5.61 -25.80
C SER B 222 23.16 6.75 -26.30
N GLN B 223 22.81 7.97 -25.90
CA GLN B 223 23.55 9.15 -26.34
C GLN B 223 24.65 9.54 -25.36
N PHE B 224 24.35 9.48 -24.07
CA PHE B 224 25.30 9.92 -23.06
C PHE B 224 25.94 8.78 -22.27
N ASN B 225 25.38 7.58 -22.38
CA ASN B 225 25.96 6.41 -21.74
C ASN B 225 26.13 5.28 -22.73
N THR B 226 26.65 5.60 -23.91
CA THR B 226 26.81 4.64 -25.00
C THR B 226 27.72 3.48 -24.58
N LYS B 227 28.76 3.79 -23.83
CA LYS B 227 29.70 2.78 -23.34
C LYS B 227 28.95 1.76 -22.48
N GLU B 228 28.21 2.26 -21.50
CA GLU B 228 27.47 1.40 -20.58
C GLU B 228 26.41 0.57 -21.29
N VAL B 229 25.68 1.20 -22.21
CA VAL B 229 24.63 0.51 -22.95
C VAL B 229 25.16 -0.63 -23.79
N ASP B 230 26.17 -0.35 -24.62
CA ASP B 230 26.76 -1.37 -25.48
C ASP B 230 27.39 -2.51 -24.69
N GLU B 231 27.97 -2.18 -23.53
CA GLU B 231 28.58 -3.18 -22.68
C GLU B 231 27.52 -4.12 -22.09
N MET B 232 26.40 -3.56 -21.67
CA MET B 232 25.31 -4.37 -21.13
C MET B 232 24.71 -5.29 -22.20
N ILE B 233 24.64 -4.80 -23.43
CA ILE B 233 24.13 -5.57 -24.56
C ILE B 233 24.96 -6.83 -24.77
N SER B 234 26.28 -6.74 -24.55
CA SER B 234 27.18 -7.87 -24.76
C SER B 234 26.96 -8.99 -23.75
N TYR B 235 26.23 -8.69 -22.68
CA TYR B 235 25.88 -9.71 -21.69
C TYR B 235 24.42 -10.08 -21.79
N SER B 236 23.69 -9.33 -22.61
CA SER B 236 22.24 -9.48 -22.68
C SER B 236 21.82 -10.52 -23.72
N ASN B 237 20.87 -11.36 -23.34
CA ASN B 237 20.32 -12.36 -24.25
C ASN B 237 19.08 -11.82 -24.95
N ILE B 238 18.43 -10.87 -24.30
CA ILE B 238 17.24 -10.23 -24.86
C ILE B 238 17.31 -8.72 -24.65
N VAL B 239 17.11 -7.96 -25.74
CA VAL B 239 17.16 -6.51 -25.68
C VAL B 239 15.82 -5.89 -26.12
N PHE B 240 15.22 -5.10 -25.23
CA PHE B 240 13.98 -4.42 -25.53
C PHE B 240 14.25 -2.95 -25.85
N GLY B 241 13.42 -2.36 -26.70
CA GLY B 241 13.55 -0.96 -27.03
C GLY B 241 12.37 -0.45 -27.84
N ASN B 242 12.23 0.86 -27.93
CA ASN B 242 11.25 1.48 -28.81
C ASN B 242 11.91 2.25 -29.94
N GLU B 243 11.10 2.90 -30.78
CA GLU B 243 11.60 3.53 -31.98
C GLU B 243 12.54 4.72 -31.68
N SER B 244 12.15 5.56 -30.73
CA SER B 244 12.97 6.71 -30.36
C SER B 244 14.32 6.29 -29.79
N GLU B 245 14.33 5.22 -29.01
CA GLU B 245 15.58 4.69 -28.46
C GLU B 245 16.46 4.13 -29.56
N ALA B 246 15.83 3.46 -30.53
CA ALA B 246 16.55 2.87 -31.64
C ALA B 246 17.17 3.92 -32.55
N GLU B 247 16.41 4.99 -32.81
CA GLU B 247 16.88 6.08 -33.66
C GLU B 247 18.06 6.82 -33.02
N ALA B 248 17.98 7.03 -31.71
CA ALA B 248 19.06 7.66 -30.98
C ALA B 248 20.29 6.75 -30.96
N TYR B 249 20.05 5.45 -30.83
CA TYR B 249 21.14 4.47 -30.81
C TYR B 249 21.85 4.44 -32.16
N GLY B 250 21.06 4.31 -33.23
CA GLY B 250 21.60 4.26 -34.58
C GLY B 250 22.34 5.53 -34.94
N GLU B 251 21.84 6.66 -34.44
CA GLU B 251 22.49 7.95 -34.66
C GLU B 251 23.91 7.96 -34.10
N VAL B 252 24.03 7.56 -32.83
CA VAL B 252 25.32 7.56 -32.15
C VAL B 252 26.31 6.60 -32.80
N HIS B 253 25.80 5.47 -33.29
CA HIS B 253 26.65 4.45 -33.91
C HIS B 253 26.83 4.66 -35.41
N GLY B 254 26.39 5.81 -35.91
CA GLY B 254 26.58 6.17 -37.30
C GLY B 254 25.77 5.33 -38.27
N LEU B 255 24.59 4.88 -37.83
CA LEU B 255 23.69 4.13 -38.69
C LEU B 255 22.70 5.10 -39.34
N LEU B 256 23.11 5.68 -40.47
CA LEU B 256 22.34 6.72 -41.12
C LEU B 256 21.02 6.22 -41.71
N GLU B 257 21.11 5.39 -42.74
CA GLU B 257 19.92 4.89 -43.42
C GLU B 257 19.35 3.66 -42.72
N ASP B 258 18.02 3.53 -42.80
CA ASP B 258 17.29 2.42 -42.17
C ASP B 258 17.64 2.29 -40.70
N THR B 259 17.70 3.43 -40.00
CA THR B 259 18.20 3.50 -38.64
C THR B 259 17.58 2.48 -37.68
N VAL B 260 16.25 2.41 -37.65
CA VAL B 260 15.55 1.48 -36.78
C VAL B 260 15.89 0.03 -37.11
N HIS B 261 15.85 -0.30 -38.40
CA HIS B 261 16.21 -1.64 -38.85
C HIS B 261 17.70 -1.92 -38.66
N ALA B 262 18.52 -0.92 -38.95
CA ALA B 262 19.96 -1.05 -38.77
C ALA B 262 20.32 -1.27 -37.31
N THR B 263 19.64 -0.54 -36.42
CA THR B 263 19.87 -0.67 -34.99
C THR B 263 19.54 -2.08 -34.51
N ALA B 264 18.40 -2.59 -34.94
CA ALA B 264 17.97 -3.93 -34.56
C ALA B 264 18.98 -4.98 -35.01
N ARG B 265 19.50 -4.82 -36.22
CA ARG B 265 20.50 -5.74 -36.77
C ARG B 265 21.85 -5.56 -36.09
N TYR B 266 22.20 -4.32 -35.78
CA TYR B 266 23.47 -4.02 -35.12
C TYR B 266 23.52 -4.59 -33.71
N ILE B 267 22.47 -4.32 -32.93
CA ILE B 267 22.38 -4.80 -31.56
C ILE B 267 22.38 -6.33 -31.51
N ALA B 268 21.67 -6.94 -32.45
CA ALA B 268 21.60 -8.40 -32.51
C ALA B 268 22.92 -9.03 -32.91
N ASP B 269 23.74 -8.29 -33.66
CA ASP B 269 24.98 -8.82 -34.19
C ASP B 269 26.22 -8.50 -33.35
N LEU B 270 26.03 -7.75 -32.27
CA LEU B 270 27.13 -7.42 -31.38
C LEU B 270 27.68 -8.68 -30.71
N PRO B 271 29.02 -8.79 -30.64
CA PRO B 271 29.64 -9.95 -29.99
C PRO B 271 29.36 -9.97 -28.50
N PHE B 272 29.16 -11.15 -27.93
CA PHE B 272 29.03 -11.29 -26.49
C PHE B 272 30.37 -11.03 -25.82
N ALA B 273 30.35 -10.81 -24.52
CA ALA B 273 31.56 -10.46 -23.77
C ALA B 273 32.65 -11.54 -23.87
N ASP B 274 32.28 -12.78 -23.61
CA ASP B 274 33.23 -13.89 -23.64
C ASP B 274 33.66 -14.27 -25.05
N GLY B 275 32.91 -13.80 -26.04
CA GLY B 275 33.24 -14.07 -27.44
C GLY B 275 32.52 -15.28 -27.99
N LYS B 276 31.81 -15.99 -27.12
CA LYS B 276 31.06 -17.18 -27.52
C LYS B 276 29.86 -16.79 -28.38
N LYS B 277 29.31 -17.77 -29.09
CA LYS B 277 28.18 -17.51 -29.98
C LYS B 277 26.86 -17.92 -29.35
N ARG B 278 25.98 -16.95 -29.14
CA ARG B 278 24.66 -17.19 -28.58
C ARG B 278 23.61 -16.45 -29.40
N LYS B 279 22.35 -16.82 -29.22
CA LYS B 279 21.25 -16.14 -29.90
C LYS B 279 20.67 -15.02 -29.06
N ARG B 280 21.08 -13.78 -29.34
CA ARG B 280 20.48 -12.62 -28.68
C ARG B 280 19.25 -12.14 -29.44
N LEU B 281 18.13 -12.04 -28.72
CA LEU B 281 16.89 -11.60 -29.32
C LEU B 281 16.71 -10.09 -29.14
N VAL B 282 16.32 -9.41 -30.20
CA VAL B 282 16.10 -7.96 -30.15
C VAL B 282 14.69 -7.61 -30.60
N ILE B 283 13.95 -6.92 -29.73
CA ILE B 283 12.58 -6.52 -30.03
C ILE B 283 12.44 -5.00 -29.96
N ILE B 284 11.91 -4.41 -31.03
CA ILE B 284 11.74 -2.97 -31.10
C ILE B 284 10.27 -2.60 -31.32
N THR B 285 9.63 -2.07 -30.27
CA THR B 285 8.24 -1.65 -30.38
C THR B 285 8.14 -0.30 -31.09
N ARG B 286 7.04 -0.09 -31.80
CA ARG B 286 6.88 1.12 -32.60
C ARG B 286 5.49 1.75 -32.47
N GLY B 287 4.99 1.81 -31.24
CA GLY B 287 3.69 2.43 -30.98
C GLY B 287 2.54 1.66 -31.61
N LYS B 288 1.76 2.35 -32.42
CA LYS B 288 0.62 1.74 -33.10
C LYS B 288 1.08 0.94 -34.31
N ASN B 289 2.30 1.21 -34.76
CA ASN B 289 2.87 0.52 -35.91
C ASN B 289 3.47 -0.82 -35.51
N PRO B 290 3.57 -1.76 -36.48
CA PRO B 290 4.12 -3.10 -36.23
C PRO B 290 5.49 -3.05 -35.56
N LEU B 291 5.66 -3.88 -34.53
CA LEU B 291 6.94 -3.99 -33.85
C LEU B 291 7.91 -4.82 -34.67
N LEU B 292 9.20 -4.68 -34.39
CA LEU B 292 10.22 -5.42 -35.10
C LEU B 292 10.92 -6.41 -34.18
N TYR B 293 11.30 -7.56 -34.72
CA TYR B 293 12.06 -8.53 -33.95
C TYR B 293 13.00 -9.34 -34.83
N THR B 294 14.14 -9.71 -34.26
CA THR B 294 15.13 -10.52 -34.95
C THR B 294 16.13 -11.07 -33.93
N ASP B 295 17.00 -11.96 -34.38
CA ASP B 295 18.07 -12.47 -33.53
C ASP B 295 19.37 -12.55 -34.32
N SER B 296 20.45 -12.96 -33.63
CA SER B 296 21.76 -13.02 -34.25
C SER B 296 21.88 -14.08 -35.34
N SER B 297 21.01 -15.08 -35.28
CA SER B 297 21.03 -16.16 -36.27
C SER B 297 20.14 -15.84 -37.48
N ASP B 298 19.09 -15.05 -37.23
CA ASP B 298 18.16 -14.67 -38.29
C ASP B 298 18.74 -13.56 -39.14
N SER B 299 18.55 -13.66 -40.45
CA SER B 299 19.04 -12.63 -41.37
C SER B 299 17.97 -11.59 -41.63
N GLU B 300 16.72 -11.96 -41.40
CA GLU B 300 15.59 -11.09 -41.70
C GLU B 300 15.11 -10.33 -40.47
N ILE B 301 14.45 -9.20 -40.70
CA ILE B 301 13.80 -8.45 -39.65
C ILE B 301 12.29 -8.55 -39.85
N HIS B 302 11.60 -9.16 -38.89
CA HIS B 302 10.19 -9.45 -39.05
C HIS B 302 9.30 -8.37 -38.44
N GLN B 303 8.18 -8.10 -39.11
CA GLN B 303 7.18 -7.20 -38.57
C GLN B 303 6.12 -7.99 -37.83
N PHE B 304 5.59 -7.41 -36.75
CA PHE B 304 4.52 -8.03 -36.00
C PHE B 304 3.39 -7.02 -35.82
N MET B 305 2.28 -7.23 -36.52
CA MET B 305 1.13 -6.34 -36.46
C MET B 305 0.59 -6.29 -35.03
N VAL B 306 0.32 -5.08 -34.54
CA VAL B 306 -0.17 -4.91 -33.18
C VAL B 306 -1.63 -4.46 -33.16
N GLU B 307 -2.28 -4.67 -32.02
CA GLU B 307 -3.68 -4.28 -31.84
C GLU B 307 -3.86 -2.77 -31.91
N GLN B 308 -4.80 -2.32 -32.73
CA GLN B 308 -5.04 -0.89 -32.92
C GLN B 308 -6.07 -0.33 -31.94
N PHE B 309 -5.73 0.81 -31.34
CA PHE B 309 -6.62 1.49 -30.41
C PHE B 309 -7.26 2.70 -31.06
N LYS B 310 -8.47 3.05 -30.61
CA LYS B 310 -9.08 4.31 -31.02
C LYS B 310 -8.59 5.40 -30.08
N ASP B 311 -8.78 6.66 -30.48
CA ASP B 311 -8.33 7.79 -29.69
C ASP B 311 -9.04 7.90 -28.36
N ASP B 312 -10.27 7.39 -28.31
CA ASP B 312 -11.07 7.43 -27.09
C ASP B 312 -10.99 6.12 -26.31
N GLN B 313 -9.96 5.32 -26.59
CA GLN B 313 -9.72 4.08 -25.86
C GLN B 313 -8.54 4.25 -24.92
N ILE B 314 -7.47 4.86 -25.41
CA ILE B 314 -6.27 5.09 -24.62
C ILE B 314 -6.51 6.21 -23.60
N ILE B 315 -5.99 6.02 -22.39
CA ILE B 315 -6.10 7.05 -21.36
C ILE B 315 -4.74 7.40 -20.77
N ASP B 316 -3.80 6.47 -20.87
CA ASP B 316 -2.45 6.66 -20.33
C ASP B 316 -1.51 5.61 -20.87
N THR B 317 -0.64 6.01 -21.80
CA THR B 317 0.29 5.08 -22.44
C THR B 317 1.58 4.93 -21.66
N ASN B 318 1.67 5.63 -20.52
CA ASN B 318 2.84 5.55 -19.67
C ASN B 318 3.00 4.17 -19.03
N GLY B 319 4.17 3.57 -19.22
CA GLY B 319 4.46 2.27 -18.64
C GLY B 319 4.07 1.11 -19.53
N ALA B 320 3.56 1.42 -20.71
CA ALA B 320 3.15 0.38 -21.66
C ALA B 320 4.35 -0.44 -22.13
N GLY B 321 5.49 0.22 -22.26
CA GLY B 321 6.72 -0.47 -22.64
C GLY B 321 7.19 -1.41 -21.55
N ASP B 322 7.01 -1.01 -20.31
CA ASP B 322 7.40 -1.83 -19.17
C ASP B 322 6.50 -3.05 -19.06
N ALA B 323 5.22 -2.86 -19.38
CA ALA B 323 4.27 -3.96 -19.37
C ALA B 323 4.56 -4.93 -20.50
N PHE B 324 4.97 -4.39 -21.63
CA PHE B 324 5.30 -5.19 -22.81
C PHE B 324 6.42 -6.17 -22.48
N ALA B 325 7.43 -5.70 -21.77
CA ALA B 325 8.54 -6.55 -21.36
C ALA B 325 8.06 -7.63 -20.40
N ALA B 326 7.18 -7.26 -19.48
CA ALA B 326 6.61 -8.19 -18.52
C ALA B 326 5.81 -9.29 -19.22
N GLY B 327 4.96 -8.90 -20.15
CA GLY B 327 4.12 -9.85 -20.87
C GLY B 327 4.91 -10.82 -21.72
N PHE B 328 6.00 -10.35 -22.31
CA PHE B 328 6.83 -11.19 -23.13
C PHE B 328 7.62 -12.20 -22.29
N ILE B 329 8.31 -11.69 -21.29
CA ILE B 329 9.17 -12.53 -20.43
C ILE B 329 8.38 -13.59 -19.69
N ALA B 330 7.23 -13.21 -19.12
CA ALA B 330 6.40 -14.12 -18.35
C ALA B 330 6.02 -15.38 -19.11
N ASP B 331 5.86 -15.26 -20.42
CA ASP B 331 5.53 -16.41 -21.26
C ASP B 331 6.77 -17.07 -21.86
N TYR B 332 7.73 -16.24 -22.27
CA TYR B 332 8.94 -16.76 -22.92
C TYR B 332 9.77 -17.67 -22.02
N ILE B 333 9.77 -17.38 -20.72
CA ILE B 333 10.51 -18.19 -19.77
C ILE B 333 9.74 -19.47 -19.40
N ARG B 334 8.48 -19.51 -19.79
CA ARG B 334 7.63 -20.68 -19.53
C ARG B 334 7.49 -21.56 -20.77
N GLY B 335 8.40 -21.39 -21.73
CA GLY B 335 8.49 -22.25 -22.88
C GLY B 335 7.64 -21.84 -24.08
N LYS B 336 6.85 -20.78 -23.92
CA LYS B 336 5.97 -20.31 -24.99
C LYS B 336 6.80 -19.79 -26.17
N PRO B 337 6.37 -20.12 -27.40
CA PRO B 337 7.09 -19.73 -28.61
C PRO B 337 7.14 -18.21 -28.82
N MET B 338 7.90 -17.78 -29.82
CA MET B 338 8.15 -16.36 -30.05
C MET B 338 6.89 -15.55 -30.32
N ILE B 339 6.08 -16.01 -31.27
CA ILE B 339 4.87 -15.29 -31.66
C ILE B 339 3.86 -15.24 -30.52
N THR B 340 3.72 -16.35 -29.80
CA THR B 340 2.81 -16.42 -28.66
C THR B 340 3.23 -15.44 -27.57
N SER B 341 4.53 -15.34 -27.34
CA SER B 341 5.07 -14.43 -26.33
C SER B 341 4.87 -12.97 -26.72
N LEU B 342 4.86 -12.70 -28.02
CA LEU B 342 4.63 -11.35 -28.51
C LEU B 342 3.19 -10.91 -28.30
N HIS B 343 2.25 -11.85 -28.47
CA HIS B 343 0.85 -11.56 -28.22
C HIS B 343 0.61 -11.27 -26.74
N ALA B 344 1.29 -12.02 -25.88
CA ALA B 344 1.18 -11.83 -24.44
C ALA B 344 1.77 -10.47 -24.03
N ALA B 345 2.82 -10.07 -24.73
CA ALA B 345 3.46 -8.78 -24.49
C ALA B 345 2.51 -7.64 -24.84
N VAL B 346 1.84 -7.76 -25.99
CA VAL B 346 0.88 -6.75 -26.43
C VAL B 346 -0.32 -6.71 -25.50
N LYS B 347 -0.77 -7.88 -25.05
CA LYS B 347 -1.89 -7.97 -24.13
C LYS B 347 -1.58 -7.25 -22.82
N ALA B 348 -0.36 -7.41 -22.33
CA ALA B 348 0.06 -6.76 -21.09
C ALA B 348 0.14 -5.25 -21.26
N ALA B 349 0.64 -4.81 -22.41
CA ALA B 349 0.75 -3.39 -22.71
C ALA B 349 -0.63 -2.77 -22.87
N ALA B 350 -1.52 -3.49 -23.56
CA ALA B 350 -2.88 -3.02 -23.79
C ALA B 350 -3.65 -2.84 -22.48
N TYR B 351 -3.40 -3.74 -21.54
CA TYR B 351 -4.04 -3.70 -20.23
C TYR B 351 -3.66 -2.43 -19.47
N ILE B 352 -2.37 -2.13 -19.44
CA ILE B 352 -1.86 -0.95 -18.74
C ILE B 352 -2.31 0.34 -19.41
N ILE B 353 -2.34 0.34 -20.74
CA ILE B 353 -2.77 1.49 -21.53
C ILE B 353 -4.16 1.98 -21.14
N CYS B 354 -5.09 1.06 -20.92
CA CYS B 354 -6.45 1.42 -20.55
C CYS B 354 -6.59 1.73 -19.05
N ARG B 355 -5.47 1.91 -18.38
CA ARG B 355 -5.46 2.23 -16.95
C ARG B 355 -4.54 3.42 -16.67
N SER B 356 -4.85 4.16 -15.60
CA SER B 356 -4.05 5.32 -15.22
C SER B 356 -2.79 4.90 -14.48
N GLY B 357 -1.63 5.20 -15.06
CA GLY B 357 -0.36 4.80 -14.49
C GLY B 357 -0.18 3.30 -14.57
N PHE B 358 0.85 2.79 -13.91
CA PHE B 358 1.09 1.34 -13.88
C PHE B 358 0.24 0.72 -12.78
N SER B 359 -1.06 0.59 -13.05
CA SER B 359 -1.99 0.07 -12.07
C SER B 359 -2.39 -1.36 -12.38
N LEU B 360 -2.19 -2.25 -11.41
CA LEU B 360 -2.55 -3.66 -11.57
C LEU B 360 -3.71 -4.03 -10.66
N GLY B 361 -4.89 -4.16 -11.24
CA GLY B 361 -6.10 -4.47 -10.48
C GLY B 361 -6.21 -5.95 -10.15
N SER B 362 -7.44 -6.46 -10.19
CA SER B 362 -7.70 -7.86 -9.89
C SER B 362 -7.14 -8.75 -11.00
N ARG B 363 -6.37 -9.76 -10.60
CA ARG B 363 -5.69 -10.65 -11.54
C ARG B 363 -6.67 -11.43 -12.42
N ASP B 364 -7.82 -11.78 -11.86
CA ASP B 364 -8.83 -12.53 -12.59
C ASP B 364 -9.51 -11.69 -13.67
N SER B 365 -9.32 -10.38 -13.60
CA SER B 365 -9.91 -9.46 -14.57
C SER B 365 -8.93 -9.13 -15.69
N TYR B 366 -7.85 -9.90 -15.77
CA TYR B 366 -6.81 -9.68 -16.76
C TYR B 366 -7.34 -9.93 -18.18
#